data_6GMO
#
_entry.id   6GMO
#
_cell.length_a   58.770
_cell.length_b   109.860
_cell.length_c   84.750
_cell.angle_alpha   90.00
_cell.angle_beta   98.72
_cell.angle_gamma   90.00
#
_symmetry.space_group_name_H-M   'P 1 21 1'
#
loop_
_entity.id
_entity.type
_entity.pdbx_description
1 polymer 'Glutamate--cysteine ligase, chloroplastic'
2 non-polymer 'MAGNESIUM ION'
3 non-polymer L-GAMMA-GLUTAMYL-S-METHYLCYSTEINYLGLYCINE
4 non-polymer GLYCEROL
5 non-polymer 'ACETATE ION'
6 water water
#
_entity_poly.entity_id   1
_entity_poly.type   'polypeptide(L)'
_entity_poly.pdbx_seq_one_letter_code
;GAMEEAVVATEPLTREDLIAYLASGCKSKEKWRIGTEHEKFGFEVNTLRPMKYDQIAELLNSIAERFEWEKVMEGDKIIG
LKQGKQSISLEPGGQFELSGAPLETLHQTCAEVNSHLYQVKAVAEEMGIGFLGMGFQPKWRREDIPTMPKGRYDIMRNYM
PKVGSLGLDMMLRTCTVQVNLDFSSEADMIRKFRAGLALQPIATALFANSPFTEGKPNGFLSMRSHIWTDTDKDRTGMLP
FVFDDSFGFEQYVDYALDVPMYFAYRNGKYVDCTGMTFRQFLAGKLPCLPGELPTYNDWENHLTTIFPEVRLKRYMEMRG
ADGGPWRRLCALPAFWVGLLYDEDVLQSVLDLTADWTPAEREMLRNKVPVTGLKTPFRDGLLKHVAEDVLKLAKDGLERR
GYKEVGFLNAVTEVVRTGVTPAENLLEMYNGEWGQSVDPVFQELLY
;
_entity_poly.pdbx_strand_id   A,B
#
# COMPACT_ATOMS: atom_id res chain seq x y z
N VAL A 8 9.45 -52.75 -0.94
CA VAL A 8 10.81 -52.35 -0.62
C VAL A 8 10.81 -51.04 0.19
N ALA A 9 11.86 -50.84 0.98
CA ALA A 9 11.96 -49.71 1.90
C ALA A 9 12.05 -48.38 1.18
N THR A 10 12.94 -48.28 0.21
CA THR A 10 12.88 -47.14 -0.69
C THR A 10 12.96 -47.66 -2.10
N GLU A 11 11.82 -47.60 -2.78
CA GLU A 11 11.75 -48.09 -4.12
C GLU A 11 12.09 -46.86 -4.93
N PRO A 12 12.83 -47.03 -6.04
CA PRO A 12 13.15 -45.84 -6.85
C PRO A 12 11.89 -45.21 -7.42
N LEU A 13 11.90 -43.89 -7.60
CA LEU A 13 10.82 -43.24 -8.30
C LEU A 13 10.71 -43.83 -9.69
N THR A 14 9.48 -43.91 -10.17
CA THR A 14 9.20 -44.41 -11.52
C THR A 14 8.56 -43.29 -12.28
N ARG A 15 8.52 -43.43 -13.60
CA ARG A 15 7.80 -42.48 -14.44
C ARG A 15 6.39 -42.23 -13.91
N GLU A 16 5.72 -43.29 -13.46
CA GLU A 16 4.36 -43.14 -12.94
C GLU A 16 4.32 -42.25 -11.69
N ASP A 17 5.35 -42.32 -10.87
CA ASP A 17 5.42 -41.46 -9.70
C ASP A 17 5.65 -40.01 -10.09
N LEU A 18 6.42 -39.76 -11.14
CA LEU A 18 6.66 -38.39 -11.59
C LEU A 18 5.37 -37.80 -12.14
N ILE A 19 4.57 -38.64 -12.80
CA ILE A 19 3.25 -38.24 -13.25
C ILE A 19 2.35 -37.91 -12.06
N ALA A 20 2.38 -38.74 -11.04
CA ALA A 20 1.48 -38.56 -9.92
C ALA A 20 1.89 -37.30 -9.18
N TYR A 21 3.19 -36.96 -9.23
CA TYR A 21 3.63 -35.70 -8.61
C TYR A 21 2.87 -34.51 -9.23
N LEU A 22 2.87 -34.41 -10.57
CA LEU A 22 2.10 -33.35 -11.23
C LEU A 22 0.61 -33.46 -10.89
N ALA A 23 0.07 -34.67 -10.95
CA ALA A 23 -1.37 -34.83 -10.79
C ALA A 23 -1.84 -34.48 -9.38
N SER A 24 -0.92 -34.51 -8.41
CA SER A 24 -1.27 -34.22 -7.01
C SER A 24 -1.53 -32.72 -6.83
N GLY A 25 -1.28 -31.94 -7.89
CA GLY A 25 -1.69 -30.55 -7.93
C GLY A 25 -3.17 -30.32 -8.19
N CYS A 26 -3.89 -31.35 -8.62
CA CYS A 26 -5.32 -31.16 -8.92
C CYS A 26 -6.08 -30.70 -7.66
N LYS A 27 -6.89 -29.65 -7.80
CA LYS A 27 -7.65 -29.04 -6.71
C LYS A 27 -9.08 -28.79 -7.16
N SER A 28 -10.06 -28.95 -6.29
CA SER A 28 -11.43 -28.61 -6.68
C SER A 28 -11.52 -27.09 -6.83
N LYS A 29 -12.54 -26.66 -7.58
CA LYS A 29 -12.68 -25.27 -7.99
CA LYS A 29 -12.67 -25.27 -7.99
C LYS A 29 -12.65 -24.31 -6.82
N GLU A 30 -13.32 -24.66 -5.72
CA GLU A 30 -13.35 -23.76 -4.58
C GLU A 30 -11.96 -23.55 -3.98
N LYS A 31 -11.05 -24.48 -4.25
CA LYS A 31 -9.68 -24.35 -3.77
C LYS A 31 -8.69 -23.68 -4.75
N TRP A 32 -9.15 -23.32 -5.95
CA TRP A 32 -8.27 -22.61 -6.90
C TRP A 32 -7.84 -21.29 -6.33
N ARG A 33 -6.59 -20.91 -6.57
CA ARG A 33 -6.06 -19.62 -6.10
C ARG A 33 -5.30 -18.93 -7.24
N ILE A 34 -4.81 -17.73 -6.95
CA ILE A 34 -4.10 -16.91 -7.93
C ILE A 34 -2.76 -16.51 -7.33
N GLY A 35 -1.65 -17.03 -7.84
CA GLY A 35 -0.35 -16.48 -7.45
C GLY A 35 0.19 -15.55 -8.51
N THR A 36 0.86 -14.48 -8.11
CA THR A 36 1.37 -13.52 -9.07
C THR A 36 2.84 -13.32 -8.73
N GLU A 37 3.70 -13.36 -9.74
CA GLU A 37 5.14 -13.09 -9.56
C GLU A 37 5.48 -11.94 -10.50
N HIS A 38 6.36 -11.05 -10.09
CA HIS A 38 6.83 -10.03 -11.02
C HIS A 38 8.25 -9.62 -10.63
N GLU A 39 8.96 -9.08 -11.61
CA GLU A 39 10.37 -8.71 -11.50
C GLU A 39 10.50 -7.25 -11.88
N LYS A 40 11.47 -6.56 -11.27
CA LYS A 40 11.67 -5.10 -11.43
C LYS A 40 13.15 -4.77 -11.56
N PHE A 41 13.51 -3.74 -12.32
CA PHE A 41 14.91 -3.34 -12.42
C PHE A 41 15.20 -2.27 -11.38
N GLY A 42 16.18 -2.50 -10.49
CA GLY A 42 16.62 -1.46 -9.58
C GLY A 42 17.74 -0.61 -10.19
N PHE A 43 17.77 0.67 -9.85
CA PHE A 43 18.74 1.60 -10.44
C PHE A 43 19.05 2.75 -9.48
N GLU A 44 20.24 3.33 -9.60
CA GLU A 44 20.57 4.55 -8.86
C GLU A 44 19.90 5.72 -9.53
N VAL A 45 19.16 6.51 -8.77
CA VAL A 45 18.37 7.60 -9.33
CA VAL A 45 18.37 7.58 -9.37
C VAL A 45 19.24 8.65 -9.99
N ASN A 46 20.43 8.87 -9.43
CA ASN A 46 21.29 9.91 -9.94
CA ASN A 46 21.29 9.92 -9.94
C ASN A 46 22.00 9.51 -11.23
N THR A 47 22.58 8.32 -11.29
CA THR A 47 23.29 7.89 -12.49
C THR A 47 22.52 6.99 -13.46
N LEU A 48 21.36 6.51 -13.03
CA LEU A 48 20.62 5.47 -13.76
C LEU A 48 21.30 4.09 -13.79
N ARG A 49 22.47 3.96 -13.17
CA ARG A 49 23.18 2.68 -13.19
C ARG A 49 22.37 1.55 -12.55
N PRO A 50 22.55 0.32 -13.04
CA PRO A 50 21.92 -0.84 -12.41
C PRO A 50 22.39 -1.02 -10.98
N MET A 51 21.44 -1.32 -10.14
CA MET A 51 21.67 -1.56 -8.73
C MET A 51 22.62 -2.74 -8.55
N LYS A 52 23.70 -2.51 -7.80
CA LYS A 52 24.72 -3.53 -7.47
C LYS A 52 24.39 -4.46 -6.31
N TYR A 53 25.00 -5.64 -6.27
CA TYR A 53 24.73 -6.57 -5.18
C TYR A 53 24.88 -5.95 -3.79
N ASP A 54 25.90 -5.13 -3.52
CA ASP A 54 26.06 -4.58 -2.18
CA ASP A 54 26.05 -4.58 -2.18
C ASP A 54 24.87 -3.68 -1.79
N GLN A 55 24.32 -2.98 -2.77
CA GLN A 55 23.14 -2.13 -2.53
C GLN A 55 21.91 -3.00 -2.32
N ILE A 56 21.80 -4.06 -3.12
CA ILE A 56 20.71 -5.04 -2.98
C ILE A 56 20.72 -5.69 -1.59
N ALA A 57 21.89 -6.04 -1.09
CA ALA A 57 21.97 -6.63 0.24
C ALA A 57 21.51 -5.64 1.32
N GLU A 58 21.91 -4.37 1.23
CA GLU A 58 21.43 -3.41 2.20
C GLU A 58 19.90 -3.29 2.14
N LEU A 59 19.36 -3.25 0.93
CA LEU A 59 17.91 -3.15 0.73
C LEU A 59 17.18 -4.33 1.37
N LEU A 60 17.65 -5.54 1.08
CA LEU A 60 17.03 -6.75 1.61
C LEU A 60 17.09 -6.78 3.13
N ASN A 61 18.27 -6.47 3.68
CA ASN A 61 18.43 -6.44 5.14
C ASN A 61 17.51 -5.42 5.81
N SER A 62 17.38 -4.23 5.21
CA SER A 62 16.55 -3.21 5.79
C SER A 62 15.08 -3.58 5.71
N ILE A 63 14.65 -4.16 4.58
CA ILE A 63 13.26 -4.59 4.46
C ILE A 63 12.98 -5.65 5.53
N ALA A 64 13.94 -6.54 5.75
CA ALA A 64 13.74 -7.65 6.66
C ALA A 64 13.49 -7.10 8.07
N GLU A 65 14.35 -6.16 8.47
CA GLU A 65 14.30 -5.63 9.83
C GLU A 65 13.07 -4.77 10.02
N ARG A 66 12.78 -3.93 9.04
CA ARG A 66 11.72 -2.97 9.18
C ARG A 66 10.33 -3.62 9.10
N PHE A 67 10.16 -4.47 8.11
CA PHE A 67 8.86 -5.09 7.79
C PHE A 67 8.66 -6.55 8.23
N GLU A 68 9.63 -7.08 8.95
CA GLU A 68 9.57 -8.44 9.50
C GLU A 68 9.47 -9.55 8.44
N TRP A 69 10.54 -9.67 7.67
CA TRP A 69 10.70 -10.81 6.75
C TRP A 69 11.89 -11.61 7.27
N GLU A 70 11.85 -12.92 7.06
CA GLU A 70 13.01 -13.76 7.33
CA GLU A 70 12.99 -13.79 7.32
C GLU A 70 14.01 -13.66 6.19
N LYS A 71 15.30 -13.62 6.54
CA LYS A 71 16.36 -13.53 5.55
C LYS A 71 16.70 -14.89 4.95
N VAL A 72 16.82 -14.92 3.62
CA VAL A 72 17.20 -16.14 2.90
C VAL A 72 18.64 -15.99 2.43
N MET A 73 19.51 -16.92 2.81
CA MET A 73 20.93 -16.79 2.56
C MET A 73 21.38 -17.85 1.57
N GLU A 74 22.40 -17.54 0.76
CA GLU A 74 23.17 -18.59 0.11
C GLU A 74 24.60 -18.37 0.54
N GLY A 75 25.14 -19.29 1.33
CA GLY A 75 26.41 -19.05 1.97
C GLY A 75 26.29 -17.88 2.92
N ASP A 76 27.22 -16.94 2.81
CA ASP A 76 27.24 -15.78 3.69
C ASP A 76 26.52 -14.57 3.07
N LYS A 77 25.94 -14.76 1.89
CA LYS A 77 25.28 -13.68 1.16
C LYS A 77 23.75 -13.72 1.32
N ILE A 78 23.13 -12.59 1.65
CA ILE A 78 21.67 -12.55 1.70
C ILE A 78 21.20 -12.43 0.25
N ILE A 79 20.44 -13.43 -0.21
CA ILE A 79 19.84 -13.42 -1.53
C ILE A 79 18.33 -13.18 -1.67
N GLY A 80 17.61 -13.10 -0.55
CA GLY A 80 16.15 -13.04 -0.63
C GLY A 80 15.51 -12.91 0.75
N LEU A 81 14.17 -12.90 0.79
CA LEU A 81 13.41 -12.78 2.03
C LEU A 81 12.18 -13.67 1.92
N LYS A 82 11.64 -14.11 3.06
CA LYS A 82 10.38 -14.83 3.04
C LYS A 82 9.48 -14.35 4.17
N GLN A 83 8.20 -14.18 3.87
CA GLN A 83 7.22 -13.90 4.91
C GLN A 83 5.97 -14.68 4.56
N GLY A 84 5.62 -15.65 5.40
CA GLY A 84 4.50 -16.50 5.08
C GLY A 84 4.71 -17.11 3.69
N LYS A 85 3.68 -17.04 2.86
CA LYS A 85 3.69 -17.60 1.51
C LYS A 85 4.22 -16.63 0.46
N GLN A 86 4.69 -15.47 0.89
CA GLN A 86 5.40 -14.55 -0.01
C GLN A 86 6.89 -14.74 0.07
N SER A 87 7.57 -14.54 -1.07
CA SER A 87 9.02 -14.42 -1.00
C SER A 87 9.52 -13.33 -1.94
N ILE A 88 10.66 -12.76 -1.59
CA ILE A 88 11.37 -11.83 -2.44
C ILE A 88 12.69 -12.47 -2.85
N SER A 89 12.98 -12.46 -4.15
CA SER A 89 14.14 -13.15 -4.66
C SER A 89 14.86 -12.27 -5.70
N LEU A 90 15.98 -12.76 -6.21
CA LEU A 90 16.77 -12.01 -7.17
C LEU A 90 16.94 -12.86 -8.41
N GLU A 91 16.86 -12.24 -9.57
CA GLU A 91 17.20 -12.94 -10.79
C GLU A 91 18.69 -12.69 -11.05
N PRO A 92 19.25 -13.33 -12.09
CA PRO A 92 20.71 -13.29 -12.28
C PRO A 92 21.32 -11.90 -12.40
N GLY A 93 20.56 -10.93 -12.91
CA GLY A 93 21.06 -9.59 -13.09
C GLY A 93 20.63 -8.63 -11.99
N GLY A 94 20.19 -9.17 -10.86
CA GLY A 94 19.70 -8.34 -9.78
C GLY A 94 18.25 -7.93 -9.86
N GLN A 95 17.53 -8.39 -10.87
CA GLN A 95 16.09 -8.05 -10.97
C GLN A 95 15.42 -8.52 -9.68
N PHE A 96 14.54 -7.68 -9.15
CA PHE A 96 14.06 -7.78 -7.78
C PHE A 96 12.64 -8.29 -7.85
N GLU A 97 12.47 -9.55 -7.47
CA GLU A 97 11.21 -10.27 -7.72
C GLU A 97 10.36 -10.46 -6.46
N LEU A 98 9.05 -10.35 -6.61
CA LEU A 98 8.12 -10.79 -5.58
C LEU A 98 7.38 -12.00 -6.12
N SER A 99 7.41 -13.10 -5.39
CA SER A 99 6.47 -14.18 -5.62
CA SER A 99 6.49 -14.21 -5.62
C SER A 99 5.42 -14.11 -4.53
N GLY A 100 4.19 -13.72 -4.92
CA GLY A 100 3.13 -13.52 -3.96
C GLY A 100 2.51 -14.80 -3.47
N ALA A 101 1.59 -14.66 -2.53
CA ALA A 101 0.89 -15.80 -1.94
C ALA A 101 -0.24 -16.28 -2.84
N PRO A 102 -0.67 -17.55 -2.66
CA PRO A 102 -1.86 -17.91 -3.43
C PRO A 102 -3.08 -17.19 -2.85
N LEU A 103 -3.82 -16.45 -3.67
CA LEU A 103 -4.85 -15.58 -3.16
C LEU A 103 -6.16 -15.93 -3.83
N GLU A 104 -7.25 -15.61 -3.14
CA GLU A 104 -8.58 -15.91 -3.67
C GLU A 104 -9.10 -14.91 -4.70
N THR A 105 -8.84 -13.61 -4.51
CA THR A 105 -9.37 -12.60 -5.42
C THR A 105 -8.31 -11.63 -5.94
N LEU A 106 -8.62 -10.96 -7.05
CA LEU A 106 -7.66 -10.05 -7.67
C LEU A 106 -7.60 -8.75 -6.86
N HIS A 107 -8.57 -8.50 -5.99
CA HIS A 107 -8.47 -7.38 -5.05
C HIS A 107 -7.31 -7.63 -4.09
N GLN A 108 -7.18 -8.87 -3.65
CA GLN A 108 -6.11 -9.24 -2.74
C GLN A 108 -4.77 -9.18 -3.48
N THR A 109 -4.78 -9.66 -4.72
CA THR A 109 -3.59 -9.62 -5.56
C THR A 109 -3.02 -8.22 -5.64
N CYS A 110 -3.87 -7.26 -5.97
CA CYS A 110 -3.38 -5.92 -6.20
C CYS A 110 -2.98 -5.22 -4.91
N ALA A 111 -3.68 -5.50 -3.81
CA ALA A 111 -3.27 -5.01 -2.50
C ALA A 111 -1.86 -5.52 -2.16
N GLU A 112 -1.59 -6.79 -2.47
CA GLU A 112 -0.29 -7.39 -2.23
C GLU A 112 0.79 -6.71 -3.09
N VAL A 113 0.50 -6.46 -4.37
CA VAL A 113 1.46 -5.72 -5.18
C VAL A 113 1.74 -4.38 -4.51
N ASN A 114 0.69 -3.67 -4.13
CA ASN A 114 0.84 -2.32 -3.56
C ASN A 114 1.67 -2.35 -2.28
N SER A 115 1.39 -3.32 -1.40
CA SER A 115 2.14 -3.44 -0.16
C SER A 115 3.62 -3.60 -0.42
N HIS A 116 3.98 -4.47 -1.37
CA HIS A 116 5.39 -4.74 -1.68
C HIS A 116 6.04 -3.48 -2.23
N LEU A 117 5.37 -2.82 -3.17
CA LEU A 117 5.92 -1.61 -3.78
C LEU A 117 6.12 -0.55 -2.71
N TYR A 118 5.16 -0.44 -1.79
CA TYR A 118 5.29 0.54 -0.71
C TYR A 118 6.56 0.24 0.13
N GLN A 119 6.73 -1.00 0.55
CA GLN A 119 7.88 -1.40 1.38
C GLN A 119 9.22 -1.18 0.69
N VAL A 120 9.30 -1.60 -0.57
CA VAL A 120 10.54 -1.46 -1.30
C VAL A 120 10.89 0.02 -1.42
N LYS A 121 9.93 0.85 -1.79
CA LYS A 121 10.22 2.27 -1.97
C LYS A 121 10.57 2.95 -0.64
N ALA A 122 9.93 2.52 0.46
CA ALA A 122 10.15 3.13 1.76
C ALA A 122 11.63 3.01 2.14
N VAL A 123 12.22 1.87 1.84
CA VAL A 123 13.65 1.66 2.10
C VAL A 123 14.53 2.26 0.99
N ALA A 124 14.13 2.02 -0.25
CA ALA A 124 14.99 2.36 -1.40
C ALA A 124 15.19 3.87 -1.57
N GLU A 125 14.14 4.65 -1.33
CA GLU A 125 14.24 6.07 -1.62
C GLU A 125 15.30 6.74 -0.72
N GLU A 126 15.50 6.21 0.49
CA GLU A 126 16.58 6.71 1.35
C GLU A 126 17.98 6.34 0.80
N MET A 127 18.05 5.28 0.01
CA MET A 127 19.31 4.84 -0.57
C MET A 127 19.59 5.49 -1.93
N GLY A 128 18.67 6.33 -2.40
CA GLY A 128 18.74 6.88 -3.73
C GLY A 128 18.54 5.83 -4.82
N ILE A 129 17.69 4.85 -4.55
CA ILE A 129 17.42 3.77 -5.49
C ILE A 129 15.97 3.87 -5.97
N GLY A 130 15.74 3.80 -7.28
CA GLY A 130 14.40 3.61 -7.82
C GLY A 130 14.18 2.26 -8.46
N PHE A 131 12.95 1.96 -8.86
CA PHE A 131 12.69 0.72 -9.59
C PHE A 131 11.94 1.03 -10.88
N LEU A 132 12.28 0.28 -11.94
CA LEU A 132 11.74 0.48 -13.29
C LEU A 132 10.95 -0.77 -13.73
N GLY A 133 9.64 -0.68 -13.95
CA GLY A 133 8.95 -1.73 -14.69
C GLY A 133 8.99 -1.70 -16.21
N MET A 134 9.68 -2.65 -16.82
CA MET A 134 9.81 -2.76 -18.29
C MET A 134 10.20 -4.17 -18.56
N GLY A 135 10.05 -4.64 -19.79
CA GLY A 135 10.38 -6.02 -20.13
C GLY A 135 11.88 -6.24 -20.36
N PHE A 136 12.57 -5.18 -20.74
CA PHE A 136 13.99 -5.29 -21.09
C PHE A 136 14.72 -4.03 -20.67
N GLN A 137 15.89 -4.20 -20.06
CA GLN A 137 16.66 -3.08 -19.57
C GLN A 137 16.97 -2.12 -20.75
N PRO A 138 16.44 -0.89 -20.69
CA PRO A 138 16.45 0.03 -21.84
C PRO A 138 17.78 0.73 -22.20
N LYS A 139 18.69 0.79 -21.24
CA LYS A 139 19.85 1.71 -21.29
C LYS A 139 21.19 0.94 -21.37
N TRP A 140 21.42 0.05 -20.42
CA TRP A 140 22.72 -0.59 -20.23
C TRP A 140 23.03 -1.82 -21.07
N ARG A 141 24.32 -2.01 -21.37
CA ARG A 141 24.82 -3.20 -22.06
C ARG A 141 24.82 -4.47 -21.21
N ARG A 142 24.89 -5.63 -21.85
CA ARG A 142 24.96 -6.90 -21.13
C ARG A 142 26.10 -6.87 -20.10
N GLU A 143 27.25 -6.35 -20.50
CA GLU A 143 28.43 -6.33 -19.65
C GLU A 143 28.32 -5.33 -18.50
N ASP A 144 27.34 -4.43 -18.58
CA ASP A 144 27.11 -3.44 -17.53
C ASP A 144 26.25 -3.97 -16.37
N ILE A 145 25.71 -5.18 -16.50
CA ILE A 145 24.78 -5.68 -15.48
C ILE A 145 25.54 -6.47 -14.41
N PRO A 146 25.36 -6.09 -13.14
CA PRO A 146 25.94 -6.88 -12.05
C PRO A 146 25.40 -8.32 -12.05
N THR A 147 26.21 -9.29 -11.67
CA THR A 147 25.74 -10.68 -11.62
C THR A 147 25.61 -11.09 -10.16
N MET A 148 24.54 -11.80 -9.82
CA MET A 148 24.30 -12.13 -8.41
C MET A 148 25.08 -13.37 -7.99
N PRO A 149 25.52 -13.40 -6.72
CA PRO A 149 26.26 -14.52 -6.12
C PRO A 149 25.42 -15.77 -5.83
N LYS A 150 24.91 -16.40 -6.89
CA LYS A 150 24.09 -17.61 -6.77
C LYS A 150 24.64 -18.72 -7.67
N GLY A 151 25.08 -19.81 -7.06
CA GLY A 151 25.73 -20.90 -7.78
C GLY A 151 24.92 -21.44 -8.95
N ARG A 152 23.60 -21.49 -8.76
CA ARG A 152 22.70 -21.98 -9.78
C ARG A 152 22.83 -21.13 -11.05
N TYR A 153 22.95 -19.82 -10.85
CA TYR A 153 23.08 -18.90 -11.97
C TYR A 153 24.43 -19.02 -12.65
N ASP A 154 25.47 -19.30 -11.88
CA ASP A 154 26.81 -19.53 -12.44
C ASP A 154 26.78 -20.67 -13.47
N ILE A 155 26.12 -21.78 -13.12
CA ILE A 155 26.00 -22.91 -14.03
C ILE A 155 25.27 -22.55 -15.34
N MET A 156 24.14 -21.86 -15.19
CA MET A 156 23.35 -21.45 -16.34
C MET A 156 24.12 -20.47 -17.23
N ARG A 157 24.80 -19.49 -16.63
CA ARG A 157 25.53 -18.49 -17.44
C ARG A 157 26.60 -19.18 -18.30
N ASN A 158 27.22 -20.20 -17.74
CA ASN A 158 28.22 -20.93 -18.49
C ASN A 158 27.61 -21.78 -19.61
N TYR A 159 26.38 -22.23 -19.40
CA TYR A 159 25.68 -23.08 -20.38
C TYR A 159 25.02 -22.33 -21.53
N MET A 160 24.43 -21.17 -21.24
CA MET A 160 23.62 -20.47 -22.24
C MET A 160 24.29 -20.29 -23.61
N PRO A 161 25.58 -19.92 -23.62
CA PRO A 161 26.23 -19.66 -24.92
C PRO A 161 26.30 -20.89 -25.80
N LYS A 162 26.17 -22.06 -25.16
CA LYS A 162 26.20 -23.32 -25.90
C LYS A 162 24.89 -23.58 -26.65
N VAL A 163 23.77 -23.10 -26.10
CA VAL A 163 22.45 -23.31 -26.70
C VAL A 163 21.75 -22.13 -27.43
N GLY A 164 22.36 -20.95 -27.45
CA GLY A 164 21.75 -19.78 -28.10
C GLY A 164 22.56 -18.52 -27.89
N SER A 165 22.24 -17.45 -28.61
CA SER A 165 22.97 -16.19 -28.45
CA SER A 165 22.98 -16.20 -28.43
C SER A 165 22.31 -15.18 -27.51
N LEU A 166 21.04 -15.40 -27.18
CA LEU A 166 20.30 -14.47 -26.31
C LEU A 166 20.01 -14.87 -24.86
N GLY A 167 20.35 -16.10 -24.48
CA GLY A 167 20.02 -16.61 -23.16
C GLY A 167 20.59 -15.81 -22.03
N LEU A 168 21.77 -15.23 -22.24
CA LEU A 168 22.39 -14.39 -21.23
C LEU A 168 21.60 -13.10 -21.05
N ASP A 169 21.03 -12.62 -22.15
CA ASP A 169 20.16 -11.44 -22.04
C ASP A 169 18.85 -11.78 -21.33
N MET A 170 18.33 -12.98 -21.54
CA MET A 170 17.17 -13.43 -20.76
C MET A 170 17.50 -13.35 -19.28
N MET A 171 18.68 -13.86 -18.92
CA MET A 171 19.05 -13.94 -17.52
C MET A 171 19.31 -12.56 -16.92
N LEU A 172 20.11 -11.76 -17.60
CA LEU A 172 20.52 -10.47 -17.06
C LEU A 172 19.63 -9.28 -17.29
N ARG A 173 18.98 -9.26 -18.45
CA ARG A 173 18.28 -8.08 -18.93
C ARG A 173 16.72 -8.03 -19.02
N THR A 174 16.01 -9.07 -18.61
CA THR A 174 14.54 -9.09 -18.82
C THR A 174 13.77 -9.10 -17.49
N CYS A 175 12.52 -8.62 -17.52
CA CYS A 175 11.59 -8.74 -16.36
C CYS A 175 10.23 -9.16 -16.88
N THR A 176 9.54 -10.01 -16.13
CA THR A 176 8.23 -10.51 -16.51
C THR A 176 7.25 -10.18 -15.40
N VAL A 177 5.97 -10.26 -15.75
CA VAL A 177 4.92 -10.46 -14.73
C VAL A 177 4.16 -11.72 -15.18
N GLN A 178 4.01 -12.65 -14.25
CA GLN A 178 3.51 -14.00 -14.50
C GLN A 178 2.35 -14.29 -13.53
N VAL A 179 1.43 -15.16 -13.91
CA VAL A 179 0.38 -15.60 -12.98
C VAL A 179 0.41 -17.13 -12.95
N ASN A 180 0.12 -17.67 -11.78
CA ASN A 180 0.11 -19.10 -11.51
C ASN A 180 -1.31 -19.50 -11.15
N LEU A 181 -1.85 -20.49 -11.87
CA LEU A 181 -3.26 -20.86 -11.75
C LEU A 181 -3.39 -22.38 -11.60
N ASP A 182 -4.50 -22.82 -11.02
CA ASP A 182 -4.72 -24.21 -10.67
C ASP A 182 -5.67 -24.93 -11.63
N PHE A 183 -5.53 -26.26 -11.72
CA PHE A 183 -6.47 -27.09 -12.47
C PHE A 183 -7.10 -28.13 -11.54
N SER A 184 -8.29 -28.62 -11.90
CA SER A 184 -9.02 -29.60 -11.08
C SER A 184 -8.84 -31.07 -11.47
N SER A 185 -8.27 -31.32 -12.64
CA SER A 185 -8.17 -32.68 -13.16
C SER A 185 -7.25 -32.67 -14.36
N GLU A 186 -6.97 -33.84 -14.90
CA GLU A 186 -6.19 -33.89 -16.14
C GLU A 186 -6.96 -33.24 -17.28
N ALA A 187 -8.25 -33.53 -17.38
CA ALA A 187 -9.02 -32.95 -18.48
C ALA A 187 -9.02 -31.42 -18.40
N ASP A 188 -9.07 -30.89 -17.18
CA ASP A 188 -9.09 -29.43 -17.00
C ASP A 188 -7.71 -28.85 -17.33
N MET A 189 -6.66 -29.53 -16.91
CA MET A 189 -5.30 -29.10 -17.17
C MET A 189 -5.07 -28.98 -18.68
N ILE A 190 -5.50 -29.99 -19.43
CA ILE A 190 -5.32 -30.00 -20.88
C ILE A 190 -6.03 -28.80 -21.53
N ARG A 191 -7.26 -28.54 -21.10
CA ARG A 191 -8.03 -27.44 -21.66
C ARG A 191 -7.40 -26.07 -21.34
N LYS A 192 -6.92 -25.91 -20.11
CA LYS A 192 -6.27 -24.65 -19.71
C LYS A 192 -4.91 -24.51 -20.41
N PHE A 193 -4.18 -25.59 -20.60
CA PHE A 193 -2.88 -25.53 -21.28
C PHE A 193 -3.10 -25.07 -22.73
N ARG A 194 -4.10 -25.63 -23.40
CA ARG A 194 -4.35 -25.30 -24.80
C ARG A 194 -4.88 -23.87 -24.95
N ALA A 195 -5.76 -23.45 -24.05
CA ALA A 195 -6.21 -22.05 -24.06
C ALA A 195 -5.05 -21.09 -23.78
N GLY A 196 -4.27 -21.39 -22.75
CA GLY A 196 -3.12 -20.56 -22.40
C GLY A 196 -2.07 -20.45 -23.51
N LEU A 197 -1.71 -21.56 -24.16
CA LEU A 197 -0.72 -21.47 -25.24
C LEU A 197 -1.27 -20.70 -26.43
N ALA A 198 -2.48 -21.02 -26.86
CA ALA A 198 -3.04 -20.34 -28.03
C ALA A 198 -3.14 -18.85 -27.83
N LEU A 199 -3.49 -18.43 -26.61
CA LEU A 199 -3.68 -17.02 -26.38
C LEU A 199 -2.42 -16.30 -25.86
N GLN A 200 -1.34 -17.02 -25.58
CA GLN A 200 -0.19 -16.36 -24.96
C GLN A 200 0.34 -15.22 -25.85
N PRO A 201 0.35 -15.39 -27.18
CA PRO A 201 0.84 -14.24 -27.97
C PRO A 201 -0.07 -13.00 -27.87
N ILE A 202 -1.36 -13.19 -27.57
CA ILE A 202 -2.21 -12.04 -27.37
CA ILE A 202 -2.23 -12.05 -27.36
C ILE A 202 -1.82 -11.32 -26.08
N ALA A 203 -1.50 -12.09 -25.04
CA ALA A 203 -1.04 -11.46 -23.80
C ALA A 203 0.31 -10.77 -24.05
N THR A 204 1.22 -11.42 -24.79
CA THR A 204 2.52 -10.80 -25.06
C THR A 204 2.30 -9.46 -25.74
N ALA A 205 1.33 -9.40 -26.66
CA ALA A 205 1.05 -8.17 -27.38
C ALA A 205 0.46 -7.09 -26.47
N LEU A 206 -0.54 -7.46 -25.65
CA LEU A 206 -1.17 -6.49 -24.77
C LEU A 206 -0.15 -5.86 -23.82
N PHE A 207 0.80 -6.67 -23.39
CA PHE A 207 1.75 -6.23 -22.38
C PHE A 207 3.10 -5.79 -22.94
N ALA A 208 3.26 -5.78 -24.27
CA ALA A 208 4.60 -5.55 -24.81
C ALA A 208 5.12 -4.23 -24.29
N ASN A 209 6.21 -4.27 -23.53
CA ASN A 209 6.91 -3.08 -23.18
C ASN A 209 8.38 -3.35 -23.14
N SER A 210 9.05 -3.44 -24.27
CA SER A 210 10.51 -3.48 -24.28
C SER A 210 11.09 -3.09 -25.65
N PRO A 211 10.82 -1.88 -26.12
CA PRO A 211 11.28 -1.31 -27.39
C PRO A 211 12.72 -0.82 -27.48
N PHE A 212 13.43 -0.73 -26.35
CA PHE A 212 14.73 -0.07 -26.33
C PHE A 212 15.85 -1.02 -25.97
N THR A 213 16.98 -0.88 -26.65
CA THR A 213 18.22 -1.53 -26.24
C THR A 213 19.32 -0.49 -26.27
N GLU A 214 20.03 -0.36 -25.15
CA GLU A 214 21.25 0.45 -25.08
C GLU A 214 20.99 1.86 -25.56
N GLY A 215 19.84 2.38 -25.13
CA GLY A 215 19.48 3.77 -25.35
C GLY A 215 18.81 4.08 -26.67
N LYS A 216 18.53 3.06 -27.49
CA LYS A 216 17.94 3.29 -28.81
CA LYS A 216 17.96 3.27 -28.82
C LYS A 216 16.81 2.31 -29.07
N PRO A 217 15.88 2.69 -29.94
CA PRO A 217 14.87 1.71 -30.35
C PRO A 217 15.51 0.50 -31.03
N ASN A 218 15.09 -0.71 -30.65
CA ASN A 218 15.73 -1.92 -31.11
C ASN A 218 15.05 -2.63 -32.28
N GLY A 219 13.92 -2.10 -32.75
CA GLY A 219 13.19 -2.71 -33.85
C GLY A 219 12.09 -3.67 -33.39
N PHE A 220 11.92 -3.81 -32.08
CA PHE A 220 10.89 -4.69 -31.51
C PHE A 220 9.92 -3.89 -30.64
N LEU A 221 8.69 -4.40 -30.46
CA LEU A 221 7.84 -3.96 -29.35
C LEU A 221 8.15 -4.71 -28.04
N SER A 222 8.21 -6.04 -28.10
CA SER A 222 8.77 -6.78 -26.97
C SER A 222 10.05 -7.48 -27.40
N MET A 223 11.19 -6.88 -27.05
CA MET A 223 12.47 -7.53 -27.29
C MET A 223 12.59 -8.70 -26.31
N ARG A 224 11.94 -8.58 -25.16
CA ARG A 224 11.98 -9.61 -24.14
C ARG A 224 11.45 -10.91 -24.74
N SER A 225 10.34 -10.82 -25.44
CA SER A 225 9.73 -12.03 -25.96
C SER A 225 10.61 -12.62 -27.07
N HIS A 226 11.18 -11.74 -27.87
CA HIS A 226 12.10 -12.17 -28.93
C HIS A 226 13.29 -12.94 -28.34
N ILE A 227 13.80 -12.47 -27.21
CA ILE A 227 14.93 -13.12 -26.55
C ILE A 227 14.62 -14.57 -26.22
N TRP A 228 13.39 -14.84 -25.81
CA TRP A 228 13.01 -16.22 -25.51
C TRP A 228 12.97 -17.17 -26.73
N THR A 229 13.09 -16.65 -27.96
CA THR A 229 13.21 -17.54 -29.13
C THR A 229 14.64 -17.89 -29.53
N ASP A 230 15.60 -17.14 -29.03
CA ASP A 230 17.04 -17.45 -29.09
C ASP A 230 17.73 -17.93 -27.82
N THR A 231 16.97 -18.33 -26.81
CA THR A 231 17.57 -18.73 -25.55
C THR A 231 17.99 -20.21 -25.56
N ASP A 232 17.03 -21.13 -25.57
CA ASP A 232 17.37 -22.54 -25.70
C ASP A 232 16.22 -23.26 -26.37
N LYS A 233 16.48 -24.00 -27.45
CA LYS A 233 15.36 -24.59 -28.16
C LYS A 233 14.76 -25.79 -27.41
N ASP A 234 15.54 -26.41 -26.52
CA ASP A 234 15.11 -27.63 -25.86
C ASP A 234 14.04 -27.36 -24.80
N ARG A 235 14.16 -26.21 -24.16
CA ARG A 235 13.28 -25.79 -23.06
C ARG A 235 12.22 -24.69 -23.27
N THR A 236 12.01 -24.21 -24.49
CA THR A 236 11.16 -23.04 -24.73
C THR A 236 10.08 -23.30 -25.78
N GLY A 237 9.25 -22.30 -26.01
CA GLY A 237 8.33 -22.33 -27.14
C GLY A 237 6.88 -22.68 -26.87
N MET A 238 6.17 -22.94 -27.97
CA MET A 238 4.71 -23.05 -28.00
C MET A 238 4.23 -24.49 -27.84
N LEU A 239 5.17 -25.41 -27.61
CA LEU A 239 4.84 -26.80 -27.27
C LEU A 239 3.69 -27.36 -28.09
N PRO A 240 3.86 -27.51 -29.41
CA PRO A 240 2.74 -27.96 -30.26
C PRO A 240 2.16 -29.33 -29.87
N PHE A 241 2.97 -30.19 -29.26
CA PHE A 241 2.50 -31.51 -28.84
C PHE A 241 1.36 -31.43 -27.81
N VAL A 242 1.23 -30.30 -27.12
CA VAL A 242 0.12 -30.13 -26.18
C VAL A 242 -1.23 -30.21 -26.89
N PHE A 243 -1.23 -29.94 -28.19
CA PHE A 243 -2.47 -29.92 -28.93
C PHE A 243 -2.75 -31.28 -29.58
N ASP A 244 -1.84 -32.24 -29.40
CA ASP A 244 -2.07 -33.60 -29.91
C ASP A 244 -3.12 -34.35 -29.07
N ASP A 245 -3.89 -35.21 -29.71
CA ASP A 245 -4.90 -36.00 -28.99
C ASP A 245 -4.29 -36.77 -27.83
N SER A 246 -3.03 -37.14 -27.98
CA SER A 246 -2.38 -37.96 -26.96
C SER A 246 -2.01 -37.19 -25.69
N PHE A 247 -2.11 -35.87 -25.71
CA PHE A 247 -1.53 -35.07 -24.63
C PHE A 247 -2.27 -35.27 -23.30
N GLY A 248 -1.49 -35.34 -22.24
CA GLY A 248 -1.96 -35.45 -20.86
C GLY A 248 -0.74 -35.30 -19.97
N PHE A 249 -0.88 -35.60 -18.68
CA PHE A 249 0.27 -35.53 -17.76
C PHE A 249 1.44 -36.40 -18.24
N GLU A 250 1.14 -37.59 -18.75
CA GLU A 250 2.18 -38.53 -19.12
C GLU A 250 3.07 -37.95 -20.20
N GLN A 251 2.46 -37.32 -21.20
CA GLN A 251 3.24 -36.78 -22.29
C GLN A 251 4.09 -35.59 -21.83
N TYR A 252 3.56 -34.76 -20.93
CA TYR A 252 4.38 -33.65 -20.42
C TYR A 252 5.59 -34.19 -19.65
N VAL A 253 5.38 -35.28 -18.92
CA VAL A 253 6.45 -35.87 -18.13
C VAL A 253 7.54 -36.40 -19.06
N ASP A 254 7.15 -37.07 -20.14
CA ASP A 254 8.12 -37.57 -21.10
C ASP A 254 8.89 -36.41 -21.75
N TYR A 255 8.18 -35.33 -22.06
CA TYR A 255 8.84 -34.11 -22.53
C TYR A 255 9.89 -33.63 -21.52
N ALA A 256 9.48 -33.43 -20.28
CA ALA A 256 10.38 -32.93 -19.25
C ALA A 256 11.53 -33.89 -18.98
N LEU A 257 11.27 -35.19 -19.03
CA LEU A 257 12.34 -36.17 -18.84
C LEU A 257 13.47 -35.99 -19.85
N ASP A 258 13.11 -35.57 -21.07
CA ASP A 258 14.10 -35.45 -22.14
C ASP A 258 14.65 -34.04 -22.33
N VAL A 259 14.21 -33.10 -21.51
CA VAL A 259 14.87 -31.79 -21.48
C VAL A 259 16.15 -31.96 -20.67
N PRO A 260 17.29 -31.48 -21.20
CA PRO A 260 18.55 -31.63 -20.48
C PRO A 260 18.53 -30.90 -19.14
N MET A 261 19.18 -31.46 -18.13
CA MET A 261 19.24 -30.86 -16.81
C MET A 261 20.20 -29.68 -16.79
N TYR A 262 20.02 -28.81 -15.78
CA TYR A 262 21.01 -27.81 -15.39
C TYR A 262 21.86 -28.34 -14.25
N PHE A 263 21.22 -28.69 -13.14
CA PHE A 263 21.92 -28.95 -11.89
C PHE A 263 21.20 -29.97 -11.04
N ALA A 264 21.91 -30.56 -10.09
CA ALA A 264 21.29 -31.29 -9.01
C ALA A 264 21.74 -30.63 -7.69
N TYR A 265 20.81 -30.46 -6.77
CA TYR A 265 21.12 -29.81 -5.50
C TYR A 265 21.41 -30.91 -4.49
N ARG A 266 22.63 -30.92 -3.97
CA ARG A 266 23.06 -31.94 -3.02
C ARG A 266 23.82 -31.28 -1.88
N ASN A 267 23.36 -31.54 -0.65
CA ASN A 267 23.97 -30.98 0.56
C ASN A 267 24.36 -29.52 0.36
N GLY A 268 23.35 -28.69 0.15
CA GLY A 268 23.54 -27.25 0.08
C GLY A 268 24.27 -26.72 -1.13
N LYS A 269 24.69 -27.61 -2.03
CA LYS A 269 25.51 -27.18 -3.17
C LYS A 269 24.88 -27.55 -4.51
N TYR A 270 25.15 -26.73 -5.52
CA TYR A 270 24.66 -26.99 -6.88
C TYR A 270 25.69 -27.75 -7.72
N VAL A 271 25.33 -28.96 -8.12
CA VAL A 271 26.19 -29.79 -8.96
C VAL A 271 25.84 -29.55 -10.43
N ASP A 272 26.84 -29.29 -11.27
CA ASP A 272 26.54 -28.98 -12.66
C ASP A 272 26.28 -30.30 -13.39
N CYS A 273 25.01 -30.44 -13.80
CA CYS A 273 24.50 -31.56 -14.57
C CYS A 273 24.25 -31.35 -16.07
N THR A 274 24.68 -30.21 -16.60
CA THR A 274 24.37 -29.91 -18.00
C THR A 274 24.89 -31.03 -18.90
N GLY A 275 24.17 -31.25 -20.00
CA GLY A 275 24.55 -32.23 -21.00
C GLY A 275 23.91 -33.57 -20.70
N MET A 276 23.16 -33.63 -19.61
CA MET A 276 22.58 -34.89 -19.13
C MET A 276 21.07 -34.73 -19.03
N THR A 277 20.33 -35.82 -18.92
CA THR A 277 18.87 -35.72 -18.90
C THR A 277 18.33 -36.30 -17.62
N PHE A 278 17.09 -35.95 -17.28
CA PHE A 278 16.52 -36.47 -16.07
C PHE A 278 16.19 -37.94 -16.29
N ARG A 279 15.99 -38.33 -17.55
CA ARG A 279 15.69 -39.72 -17.85
C ARG A 279 16.87 -40.61 -17.48
N GLN A 280 18.09 -40.13 -17.76
CA GLN A 280 19.30 -40.79 -17.25
C GLN A 280 19.32 -40.87 -15.73
N PHE A 281 18.95 -39.78 -15.07
CA PHE A 281 18.96 -39.72 -13.63
C PHE A 281 18.01 -40.78 -13.08
N LEU A 282 16.83 -40.86 -13.69
CA LEU A 282 15.78 -41.75 -13.20
C LEU A 282 16.30 -43.18 -13.20
N ALA A 283 17.17 -43.49 -14.16
CA ALA A 283 17.73 -44.83 -14.31
C ALA A 283 19.01 -45.02 -13.50
N GLY A 284 19.37 -44.01 -12.73
CA GLY A 284 20.53 -44.08 -11.85
C GLY A 284 21.81 -44.04 -12.64
N LYS A 285 21.68 -43.56 -13.87
CA LYS A 285 22.76 -43.36 -14.84
C LYS A 285 23.33 -41.93 -15.06
N LEU A 286 22.99 -40.99 -14.20
CA LEU A 286 23.44 -39.60 -14.32
C LEU A 286 24.93 -39.42 -13.94
N PRO A 287 25.79 -39.09 -14.91
CA PRO A 287 27.24 -39.01 -14.70
C PRO A 287 27.70 -38.00 -13.64
N CYS A 288 26.98 -36.91 -13.45
CA CYS A 288 27.42 -35.91 -12.48
C CYS A 288 27.21 -36.41 -11.05
N LEU A 289 26.34 -37.42 -10.91
CA LEU A 289 26.07 -38.05 -9.62
C LEU A 289 26.00 -39.56 -9.82
N PRO A 290 27.16 -40.20 -10.06
CA PRO A 290 27.16 -41.62 -10.42
C PRO A 290 26.39 -42.51 -9.44
N GLY A 291 25.47 -43.32 -9.96
CA GLY A 291 24.71 -44.27 -9.15
C GLY A 291 23.65 -43.67 -8.23
N GLU A 292 23.53 -42.36 -8.19
CA GLU A 292 22.50 -41.72 -7.38
C GLU A 292 21.15 -41.76 -8.10
N LEU A 293 20.06 -41.78 -7.34
CA LEU A 293 18.71 -41.78 -7.91
C LEU A 293 17.94 -40.53 -7.47
N PRO A 294 17.01 -40.05 -8.31
CA PRO A 294 16.39 -38.74 -8.04
C PRO A 294 15.31 -38.78 -6.95
N THR A 295 15.05 -37.63 -6.34
CA THR A 295 14.00 -37.50 -5.34
C THR A 295 12.91 -36.59 -5.93
N TYR A 296 11.83 -36.38 -5.19
CA TYR A 296 10.78 -35.46 -5.65
C TYR A 296 11.28 -34.02 -5.67
N ASN A 297 12.22 -33.69 -4.78
CA ASN A 297 12.87 -32.37 -4.86
C ASN A 297 13.66 -32.19 -6.14
N ASP A 298 14.38 -33.23 -6.56
CA ASP A 298 15.13 -33.14 -7.81
C ASP A 298 14.19 -32.90 -9.00
N TRP A 299 13.06 -33.59 -9.00
CA TRP A 299 12.08 -33.49 -10.08
C TRP A 299 11.47 -32.08 -10.11
N GLU A 300 11.07 -31.57 -8.94
CA GLU A 300 10.54 -30.21 -8.85
C GLU A 300 11.58 -29.22 -9.34
N ASN A 301 12.84 -29.41 -8.94
CA ASN A 301 13.90 -28.52 -9.38
C ASN A 301 14.09 -28.55 -10.90
N HIS A 302 14.04 -29.73 -11.49
CA HIS A 302 14.17 -29.87 -12.93
C HIS A 302 12.97 -29.24 -13.68
N LEU A 303 11.75 -29.46 -13.20
CA LEU A 303 10.56 -28.84 -13.80
C LEU A 303 10.69 -27.33 -13.83
N THR A 304 11.47 -26.80 -12.89
CA THR A 304 11.59 -25.37 -12.72
C THR A 304 12.71 -24.77 -13.60
N THR A 305 13.39 -25.65 -14.34
CA THR A 305 14.34 -25.23 -15.37
C THR A 305 13.78 -25.28 -16.78
N ILE A 306 12.50 -25.63 -16.95
CA ILE A 306 11.86 -25.63 -18.27
C ILE A 306 11.11 -24.29 -18.44
N PHE A 307 11.20 -23.67 -19.62
CA PHE A 307 10.68 -22.31 -19.80
C PHE A 307 9.86 -22.10 -21.06
N PRO A 308 8.74 -22.83 -21.19
CA PRO A 308 7.88 -22.66 -22.36
C PRO A 308 6.95 -21.47 -22.18
N GLU A 309 6.15 -21.15 -23.19
CA GLU A 309 5.33 -19.94 -23.09
C GLU A 309 4.28 -20.12 -22.01
N VAL A 310 3.92 -21.37 -21.77
CA VAL A 310 3.10 -21.78 -20.62
C VAL A 310 3.84 -22.95 -19.98
N ARG A 311 3.98 -22.95 -18.66
CA ARG A 311 4.70 -24.04 -17.99
C ARG A 311 3.76 -24.86 -17.15
N LEU A 312 3.98 -26.18 -17.12
CA LEU A 312 3.22 -27.04 -16.20
C LEU A 312 4.09 -27.61 -15.08
N LYS A 313 3.57 -27.53 -13.86
CA LYS A 313 4.17 -28.08 -12.64
C LYS A 313 2.92 -28.54 -11.89
N ARG A 314 2.92 -28.61 -10.58
CA ARG A 314 1.63 -28.87 -9.91
C ARG A 314 0.58 -27.78 -10.16
N TYR A 315 1.00 -26.66 -10.74
CA TYR A 315 0.07 -25.60 -11.18
C TYR A 315 0.53 -25.12 -12.55
N MET A 316 -0.17 -24.17 -13.15
CA MET A 316 0.15 -23.73 -14.51
CA MET A 316 0.18 -23.74 -14.51
C MET A 316 0.62 -22.29 -14.49
N GLU A 317 1.61 -21.97 -15.31
CA GLU A 317 2.21 -20.64 -15.26
C GLU A 317 2.09 -19.97 -16.62
N MET A 318 1.59 -18.73 -16.64
CA MET A 318 1.48 -17.98 -17.89
C MET A 318 2.71 -17.07 -17.97
N ARG A 319 3.59 -17.38 -18.90
CA ARG A 319 4.92 -16.77 -18.97
C ARG A 319 5.14 -15.67 -20.02
N GLY A 320 4.11 -15.29 -20.75
CA GLY A 320 4.32 -14.45 -21.91
C GLY A 320 4.46 -12.94 -21.73
N ALA A 321 4.22 -12.41 -20.54
CA ALA A 321 4.06 -10.94 -20.43
C ALA A 321 5.28 -10.17 -19.92
N ASP A 322 5.54 -9.02 -20.54
CA ASP A 322 6.57 -8.09 -20.09
C ASP A 322 6.26 -7.42 -18.74
N GLY A 323 7.28 -7.24 -17.90
CA GLY A 323 7.12 -6.47 -16.68
C GLY A 323 6.58 -5.09 -17.01
N GLY A 324 5.91 -4.43 -16.05
CA GLY A 324 5.30 -3.14 -16.33
C GLY A 324 4.85 -2.42 -15.07
N PRO A 325 4.27 -1.23 -15.22
CA PRO A 325 3.82 -0.43 -14.06
C PRO A 325 2.69 -1.11 -13.31
N TRP A 326 2.40 -0.66 -12.10
CA TRP A 326 1.60 -1.41 -11.17
C TRP A 326 0.21 -1.75 -11.68
N ARG A 327 -0.41 -0.87 -12.44
CA ARG A 327 -1.76 -1.19 -12.91
C ARG A 327 -1.74 -2.40 -13.87
N ARG A 328 -0.66 -2.55 -14.63
CA ARG A 328 -0.52 -3.73 -15.45
C ARG A 328 -0.07 -4.96 -14.67
N LEU A 329 0.65 -4.77 -13.57
CA LEU A 329 0.95 -5.90 -12.70
C LEU A 329 -0.36 -6.53 -12.19
N CYS A 330 -1.33 -5.68 -11.86
CA CYS A 330 -2.62 -6.17 -11.39
C CYS A 330 -3.51 -6.65 -12.54
N ALA A 331 -3.27 -6.13 -13.75
CA ALA A 331 -4.07 -6.53 -14.91
C ALA A 331 -3.69 -7.91 -15.46
N LEU A 332 -2.41 -8.28 -15.35
CA LEU A 332 -1.97 -9.54 -15.98
C LEU A 332 -2.68 -10.76 -15.36
N PRO A 333 -2.67 -10.88 -14.03
CA PRO A 333 -3.39 -12.00 -13.42
C PRO A 333 -4.92 -11.93 -13.71
N ALA A 334 -5.47 -10.73 -13.76
CA ALA A 334 -6.89 -10.55 -14.03
C ALA A 334 -7.29 -11.04 -15.43
N PHE A 335 -6.44 -10.78 -16.41
CA PHE A 335 -6.65 -11.23 -17.79
C PHE A 335 -6.86 -12.75 -17.83
N TRP A 336 -5.97 -13.48 -17.20
CA TRP A 336 -5.98 -14.94 -17.26
C TRP A 336 -7.03 -15.56 -16.37
N VAL A 337 -7.29 -14.94 -15.23
CA VAL A 337 -8.33 -15.45 -14.36
C VAL A 337 -9.66 -15.32 -15.09
N GLY A 338 -9.88 -14.19 -15.76
CA GLY A 338 -11.11 -14.00 -16.51
C GLY A 338 -11.29 -15.06 -17.58
N LEU A 339 -10.19 -15.44 -18.24
CA LEU A 339 -10.26 -16.41 -19.32
C LEU A 339 -10.36 -17.88 -18.90
N LEU A 340 -9.61 -18.28 -17.88
CA LEU A 340 -9.52 -19.68 -17.51
C LEU A 340 -10.35 -20.17 -16.32
N TYR A 341 -10.84 -19.25 -15.51
CA TYR A 341 -11.44 -19.66 -14.24
C TYR A 341 -12.96 -19.70 -14.32
N ASP A 342 -13.49 -19.38 -15.48
CA ASP A 342 -14.92 -19.57 -15.73
C ASP A 342 -15.07 -20.64 -16.79
N GLU A 343 -15.86 -21.67 -16.53
CA GLU A 343 -15.89 -22.82 -17.43
C GLU A 343 -16.48 -22.45 -18.80
N ASP A 344 -17.48 -21.59 -18.84
CA ASP A 344 -18.09 -21.21 -20.12
C ASP A 344 -17.16 -20.32 -20.94
N VAL A 345 -16.46 -19.40 -20.27
CA VAL A 345 -15.49 -18.57 -20.97
C VAL A 345 -14.35 -19.44 -21.48
N LEU A 346 -13.87 -20.38 -20.67
CA LEU A 346 -12.80 -21.28 -21.11
C LEU A 346 -13.24 -22.02 -22.36
N GLN A 347 -14.48 -22.51 -22.37
CA GLN A 347 -14.98 -23.19 -23.56
C GLN A 347 -14.99 -22.28 -24.78
N SER A 348 -15.40 -21.04 -24.58
CA SER A 348 -15.46 -20.03 -25.63
C SER A 348 -14.08 -19.73 -26.19
N VAL A 349 -13.06 -19.73 -25.33
CA VAL A 349 -11.69 -19.51 -25.78
C VAL A 349 -11.24 -20.70 -26.62
N LEU A 350 -11.54 -21.91 -26.17
CA LEU A 350 -11.20 -23.12 -26.95
C LEU A 350 -11.92 -23.11 -28.30
N ASP A 351 -13.17 -22.64 -28.30
CA ASP A 351 -13.94 -22.58 -29.55
C ASP A 351 -13.32 -21.58 -30.51
N LEU A 352 -12.99 -20.39 -30.00
CA LEU A 352 -12.43 -19.32 -30.79
C LEU A 352 -11.13 -19.79 -31.47
N THR A 353 -10.33 -20.57 -30.75
CA THR A 353 -9.00 -20.96 -31.21
C THR A 353 -8.94 -22.36 -31.85
N ALA A 354 -10.09 -23.04 -31.91
CA ALA A 354 -10.14 -24.45 -32.29
C ALA A 354 -9.51 -24.71 -33.67
N ASP A 355 -9.67 -23.76 -34.58
CA ASP A 355 -9.20 -23.94 -35.96
C ASP A 355 -7.83 -23.31 -36.24
N TRP A 356 -7.17 -22.76 -35.22
CA TRP A 356 -5.82 -22.24 -35.41
C TRP A 356 -4.86 -23.42 -35.63
N THR A 357 -4.03 -23.35 -36.66
CA THR A 357 -3.10 -24.42 -36.97
C THR A 357 -1.83 -24.22 -36.14
N PRO A 358 -1.04 -25.29 -35.95
CA PRO A 358 0.27 -25.20 -35.29
C PRO A 358 1.12 -24.11 -35.93
N ALA A 359 1.06 -24.00 -37.25
CA ALA A 359 1.84 -23.00 -37.94
C ALA A 359 1.35 -21.57 -37.64
N GLU A 360 0.05 -21.38 -37.48
CA GLU A 360 -0.46 -20.06 -37.14
C GLU A 360 -0.06 -19.66 -35.71
N ARG A 361 -0.14 -20.62 -34.78
CA ARG A 361 0.19 -20.34 -33.40
C ARG A 361 1.66 -19.93 -33.31
N GLU A 362 2.53 -20.65 -34.02
CA GLU A 362 3.96 -20.34 -34.05
C GLU A 362 4.23 -18.99 -34.74
N MET A 363 3.46 -18.68 -35.77
CA MET A 363 3.62 -17.41 -36.48
C MET A 363 3.27 -16.24 -35.57
N LEU A 364 2.12 -16.33 -34.89
CA LEU A 364 1.75 -15.32 -33.92
C LEU A 364 2.85 -15.16 -32.86
N ARG A 365 3.39 -16.26 -32.36
CA ARG A 365 4.40 -16.18 -31.32
C ARG A 365 5.65 -15.44 -31.81
N ASN A 366 6.03 -15.70 -33.06
CA ASN A 366 7.23 -15.09 -33.62
C ASN A 366 7.04 -13.65 -34.12
N LYS A 367 5.85 -13.33 -34.61
CA LYS A 367 5.55 -11.98 -35.13
C LYS A 367 5.14 -10.92 -34.11
N VAL A 368 4.42 -11.34 -33.07
CA VAL A 368 3.92 -10.39 -32.10
C VAL A 368 5.02 -9.52 -31.48
N PRO A 369 6.19 -10.10 -31.25
CA PRO A 369 7.26 -9.30 -30.64
C PRO A 369 7.63 -8.10 -31.50
N VAL A 370 7.54 -8.23 -32.82
CA VAL A 370 7.75 -7.08 -33.71
C VAL A 370 6.56 -6.14 -33.95
N THR A 371 5.43 -6.72 -34.33
CA THR A 371 4.23 -5.95 -34.68
C THR A 371 3.06 -5.86 -33.70
N GLY A 372 3.14 -6.53 -32.55
CA GLY A 372 2.10 -6.36 -31.55
C GLY A 372 0.69 -6.66 -32.06
N LEU A 373 -0.27 -5.79 -31.72
CA LEU A 373 -1.66 -6.02 -32.14
C LEU A 373 -1.84 -5.68 -33.61
N LYS A 374 -0.83 -5.06 -34.23
CA LYS A 374 -0.87 -4.78 -35.66
C LYS A 374 -0.39 -5.98 -36.49
N THR A 375 -0.04 -7.08 -35.84
CA THR A 375 0.33 -8.30 -36.56
C THR A 375 -0.84 -8.81 -37.41
N PRO A 376 -0.62 -8.99 -38.72
CA PRO A 376 -1.73 -9.54 -39.53
C PRO A 376 -2.14 -10.93 -39.07
N PHE A 377 -3.44 -11.20 -38.99
CA PHE A 377 -3.88 -12.56 -38.76
C PHE A 377 -5.13 -12.81 -39.59
N ARG A 378 -5.06 -13.78 -40.48
CA ARG A 378 -6.19 -14.13 -41.33
C ARG A 378 -6.78 -12.91 -42.04
N ASP A 379 -8.03 -12.61 -41.76
CA ASP A 379 -8.79 -11.60 -42.50
C ASP A 379 -8.60 -10.18 -41.95
N GLY A 380 -7.69 -10.03 -41.00
CA GLY A 380 -7.71 -8.89 -40.10
C GLY A 380 -6.38 -8.77 -39.40
N LEU A 381 -6.39 -8.09 -38.26
CA LEU A 381 -5.22 -7.90 -37.44
C LEU A 381 -5.43 -8.65 -36.11
N LEU A 382 -4.35 -8.93 -35.40
CA LEU A 382 -4.48 -9.61 -34.13
C LEU A 382 -5.34 -8.76 -33.20
N LYS A 383 -5.35 -7.46 -33.44
CA LYS A 383 -6.16 -6.51 -32.68
C LYS A 383 -7.61 -7.01 -32.61
N HIS A 384 -8.09 -7.56 -33.72
CA HIS A 384 -9.50 -7.97 -33.80
C HIS A 384 -9.78 -9.21 -32.96
N VAL A 385 -8.81 -10.12 -32.91
CA VAL A 385 -8.91 -11.29 -32.04
C VAL A 385 -8.88 -10.79 -30.60
N ALA A 386 -8.01 -9.81 -30.33
CA ALA A 386 -7.90 -9.32 -28.96
C ALA A 386 -9.20 -8.66 -28.48
N GLU A 387 -9.94 -7.99 -29.37
CA GLU A 387 -11.24 -7.42 -29.01
C GLU A 387 -12.16 -8.50 -28.45
N ASP A 388 -12.20 -9.64 -29.12
CA ASP A 388 -13.07 -10.75 -28.72
C ASP A 388 -12.56 -11.41 -27.46
N VAL A 389 -11.25 -11.54 -27.35
CA VAL A 389 -10.62 -12.14 -26.15
C VAL A 389 -10.83 -11.26 -24.93
N LEU A 390 -10.68 -9.96 -25.08
CA LEU A 390 -10.86 -9.06 -23.95
C LEU A 390 -12.30 -9.11 -23.47
N LYS A 391 -13.24 -9.17 -24.41
CA LYS A 391 -14.65 -9.28 -24.06
C LYS A 391 -14.88 -10.53 -23.23
N LEU A 392 -14.28 -11.66 -23.64
CA LEU A 392 -14.43 -12.91 -22.89
C LEU A 392 -13.83 -12.80 -21.49
N ALA A 393 -12.63 -12.22 -21.39
CA ALA A 393 -11.98 -12.08 -20.10
C ALA A 393 -12.86 -11.26 -19.15
N LYS A 394 -13.44 -10.17 -19.66
CA LYS A 394 -14.28 -9.31 -18.83
C LYS A 394 -15.54 -10.06 -18.40
N ASP A 395 -16.10 -10.88 -19.30
CA ASP A 395 -17.26 -11.72 -18.96
C ASP A 395 -16.92 -12.65 -17.80
N GLY A 396 -15.74 -13.25 -17.86
CA GLY A 396 -15.33 -14.21 -16.85
C GLY A 396 -15.20 -13.54 -15.50
N LEU A 397 -14.68 -12.32 -15.47
CA LEU A 397 -14.58 -11.61 -14.22
C LEU A 397 -15.95 -11.17 -13.71
N GLU A 398 -16.83 -10.75 -14.61
CA GLU A 398 -18.19 -10.40 -14.23
C GLU A 398 -18.84 -11.60 -13.53
N ARG A 399 -18.72 -12.75 -14.15
CA ARG A 399 -19.32 -13.97 -13.61
C ARG A 399 -18.75 -14.44 -12.29
N ARG A 400 -17.50 -14.10 -11.97
CA ARG A 400 -16.94 -14.48 -10.67
C ARG A 400 -17.66 -13.76 -9.53
N GLY A 401 -18.23 -12.60 -9.84
CA GLY A 401 -19.04 -11.85 -8.89
C GLY A 401 -18.30 -11.16 -7.76
N TYR A 402 -16.98 -11.02 -7.90
CA TYR A 402 -16.17 -10.29 -6.91
C TYR A 402 -15.92 -8.83 -7.31
N LYS A 403 -16.52 -8.38 -8.40
CA LYS A 403 -16.36 -7.01 -8.89
C LYS A 403 -14.90 -6.72 -9.25
N GLU A 404 -14.26 -7.67 -9.92
CA GLU A 404 -12.85 -7.52 -10.30
C GLU A 404 -12.66 -6.97 -11.72
N VAL A 405 -13.72 -6.74 -12.47
CA VAL A 405 -13.57 -6.44 -13.89
C VAL A 405 -12.73 -5.18 -14.15
N GLY A 406 -12.70 -4.27 -13.18
CA GLY A 406 -11.98 -3.02 -13.33
C GLY A 406 -10.48 -3.20 -13.52
N PHE A 407 -9.95 -4.36 -13.15
CA PHE A 407 -8.51 -4.58 -13.28
C PHE A 407 -8.10 -4.69 -14.76
N LEU A 408 -9.07 -4.83 -15.64
CA LEU A 408 -8.75 -4.88 -17.07
C LEU A 408 -8.88 -3.51 -17.71
N ASN A 409 -9.18 -2.49 -16.93
CA ASN A 409 -9.22 -1.13 -17.50
C ASN A 409 -7.86 -0.81 -18.07
N ALA A 410 -6.81 -1.28 -17.42
CA ALA A 410 -5.44 -0.93 -17.83
C ALA A 410 -5.04 -1.43 -19.24
N VAL A 411 -5.67 -2.50 -19.73
CA VAL A 411 -5.45 -2.97 -21.10
C VAL A 411 -6.56 -2.60 -22.10
N THR A 412 -7.58 -1.89 -21.64
CA THR A 412 -8.76 -1.69 -22.48
C THR A 412 -8.42 -0.75 -23.63
N GLU A 413 -7.67 0.30 -23.34
CA GLU A 413 -7.34 1.29 -24.35
C GLU A 413 -6.33 0.70 -25.33
N VAL A 414 -5.49 -0.23 -24.86
CA VAL A 414 -4.54 -0.90 -25.72
C VAL A 414 -5.27 -1.67 -26.78
N VAL A 415 -6.31 -2.38 -26.36
CA VAL A 415 -7.04 -3.24 -27.28
C VAL A 415 -7.88 -2.37 -28.20
N ARG A 416 -8.49 -1.34 -27.65
CA ARG A 416 -9.35 -0.47 -28.45
C ARG A 416 -8.57 0.18 -29.59
N THR A 417 -7.39 0.69 -29.27
CA THR A 417 -6.58 1.41 -30.24
C THR A 417 -5.63 0.55 -31.03
N GLY A 418 -5.38 -0.68 -30.57
CA GLY A 418 -4.40 -1.55 -31.20
C GLY A 418 -2.97 -1.05 -31.01
N VAL A 419 -2.79 -0.14 -30.07
CA VAL A 419 -1.47 0.43 -29.78
C VAL A 419 -0.91 -0.10 -28.45
N THR A 420 0.24 -0.79 -28.53
CA THR A 420 0.88 -1.40 -27.33
C THR A 420 1.52 -0.39 -26.38
N PRO A 421 1.79 -0.82 -25.14
CA PRO A 421 2.50 0.12 -24.28
C PRO A 421 3.87 0.48 -24.88
N ALA A 422 4.51 -0.48 -25.52
CA ALA A 422 5.81 -0.25 -26.14
C ALA A 422 5.70 0.84 -27.22
N GLU A 423 4.61 0.82 -27.97
CA GLU A 423 4.41 1.85 -29.00
C GLU A 423 4.18 3.21 -28.40
N ASN A 424 3.47 3.27 -27.28
CA ASN A 424 3.36 4.53 -26.55
C ASN A 424 4.72 5.07 -26.08
N LEU A 425 5.61 4.20 -25.62
CA LEU A 425 6.92 4.65 -25.18
C LEU A 425 7.73 5.19 -26.39
N LEU A 426 7.58 4.55 -27.55
CA LEU A 426 8.32 4.98 -28.74
C LEU A 426 7.86 6.38 -29.16
N GLU A 427 6.56 6.65 -29.00
CA GLU A 427 6.03 7.97 -29.32
CA GLU A 427 6.03 7.97 -29.34
C GLU A 427 6.59 9.04 -28.39
N MET A 428 6.79 8.68 -27.12
CA MET A 428 7.41 9.60 -26.17
C MET A 428 8.87 9.83 -26.53
N TYR A 429 9.56 8.74 -26.84
CA TYR A 429 10.98 8.79 -27.16
C TYR A 429 11.19 9.75 -28.35
N ASN A 430 10.35 9.63 -29.37
CA ASN A 430 10.51 10.47 -30.56
C ASN A 430 9.82 11.82 -30.44
N GLY A 431 9.13 11.95 -29.32
CA GLY A 431 8.37 13.11 -28.88
C GLY A 431 9.13 13.93 -27.86
N GLU A 432 8.38 14.30 -26.83
CA GLU A 432 8.87 15.08 -25.71
C GLU A 432 10.22 14.60 -25.07
N TRP A 433 10.59 13.32 -25.18
CA TRP A 433 11.87 12.88 -24.58
C TRP A 433 13.14 13.34 -25.33
N GLY A 434 12.97 13.91 -26.52
CA GLY A 434 14.11 14.33 -27.32
C GLY A 434 15.08 13.21 -27.69
N GLN A 435 14.51 12.04 -27.96
CA GLN A 435 15.28 10.85 -28.37
C GLN A 435 16.39 10.47 -27.38
N SER A 436 16.04 10.53 -26.11
CA SER A 436 16.83 9.91 -25.04
C SER A 436 15.93 8.88 -24.37
N VAL A 437 16.48 7.75 -23.92
CA VAL A 437 15.68 6.81 -23.14
C VAL A 437 15.62 7.24 -21.68
N ASP A 438 16.44 8.22 -21.30
CA ASP A 438 16.58 8.55 -19.88
C ASP A 438 15.25 8.83 -19.17
N PRO A 439 14.36 9.60 -19.79
CA PRO A 439 13.08 9.91 -19.15
C PRO A 439 12.22 8.66 -18.82
N VAL A 440 12.50 7.52 -19.41
CA VAL A 440 11.72 6.32 -19.12
C VAL A 440 11.92 5.93 -17.65
N PHE A 441 13.06 6.33 -17.07
CA PHE A 441 13.35 6.04 -15.66
C PHE A 441 12.51 6.90 -14.72
N GLN A 442 11.80 7.84 -15.30
CA GLN A 442 10.78 8.63 -14.63
C GLN A 442 9.40 8.09 -14.97
N GLU A 443 9.08 8.06 -16.25
CA GLU A 443 7.78 7.60 -16.74
C GLU A 443 7.33 6.28 -16.10
N LEU A 444 8.22 5.29 -16.13
CA LEU A 444 8.01 3.93 -15.62
C LEU A 444 8.56 3.66 -14.20
N LEU A 445 8.99 4.72 -13.50
CA LEU A 445 9.36 4.60 -12.09
C LEU A 445 8.19 4.11 -11.23
N TYR A 446 8.42 3.10 -10.42
CA TYR A 446 7.37 2.66 -9.50
C TYR A 446 7.21 3.66 -8.36
N ALA B 9 -20.86 -7.33 44.44
CA ALA B 9 -21.84 -6.50 45.13
C ALA B 9 -22.56 -5.56 44.15
N THR B 10 -22.09 -5.52 42.90
CA THR B 10 -22.73 -4.73 41.84
C THR B 10 -22.89 -3.26 42.35
N GLU B 11 -21.79 -2.79 42.92
CA GLU B 11 -21.60 -1.46 43.49
C GLU B 11 -21.58 -0.36 42.41
N PRO B 12 -22.21 0.80 42.67
CA PRO B 12 -22.09 1.90 41.71
C PRO B 12 -20.67 2.49 41.62
N LEU B 13 -20.28 2.98 40.45
CA LEU B 13 -18.95 3.59 40.32
C LEU B 13 -18.85 4.83 41.18
N THR B 14 -17.63 5.12 41.62
CA THR B 14 -17.35 6.32 42.34
C THR B 14 -16.32 7.14 41.57
N ARG B 15 -16.02 8.31 42.08
CA ARG B 15 -14.97 9.14 41.52
C ARG B 15 -13.66 8.37 41.50
N GLU B 16 -13.44 7.53 42.51
CA GLU B 16 -12.18 6.83 42.62
C GLU B 16 -12.06 5.76 41.54
N ASP B 17 -13.18 5.16 41.17
CA ASP B 17 -13.18 4.19 40.07
C ASP B 17 -12.82 4.91 38.78
N LEU B 18 -13.24 6.16 38.63
CA LEU B 18 -13.00 6.89 37.39
C LEU B 18 -11.52 7.23 37.24
N ILE B 19 -10.89 7.47 38.38
CA ILE B 19 -9.45 7.78 38.43
C ILE B 19 -8.68 6.52 38.11
N ALA B 20 -9.08 5.42 38.74
CA ALA B 20 -8.47 4.13 38.45
C ALA B 20 -8.57 3.79 36.96
N TYR B 21 -9.70 4.12 36.35
CA TYR B 21 -9.88 3.85 34.93
C TYR B 21 -8.76 4.50 34.12
N LEU B 22 -8.51 5.80 34.35
CA LEU B 22 -7.43 6.47 33.62
C LEU B 22 -6.09 5.80 33.95
N ALA B 23 -5.88 5.53 35.23
CA ALA B 23 -4.63 4.91 35.68
C ALA B 23 -4.41 3.53 35.08
N SER B 24 -5.48 2.85 34.69
CA SER B 24 -5.32 1.49 34.12
C SER B 24 -4.63 1.54 32.73
N GLY B 25 -4.45 2.75 32.20
CA GLY B 25 -3.74 2.91 30.94
C GLY B 25 -2.23 2.82 31.07
N CYS B 26 -1.72 2.86 32.29
CA CYS B 26 -0.27 2.80 32.52
C CYS B 26 0.34 1.54 31.90
N LYS B 27 1.47 1.74 31.20
CA LYS B 27 2.19 0.67 30.52
C LYS B 27 3.67 0.84 30.71
N SER B 28 4.39 -0.26 30.93
CA SER B 28 5.83 -0.18 31.03
C SER B 28 6.36 0.22 29.65
N LYS B 29 7.55 0.81 29.64
CA LYS B 29 8.10 1.41 28.42
C LYS B 29 8.18 0.44 27.25
N GLU B 30 8.54 -0.82 27.51
CA GLU B 30 8.68 -1.77 26.42
C GLU B 30 7.32 -2.03 25.77
N LYS B 31 6.23 -1.76 26.49
CA LYS B 31 4.88 -1.97 25.99
C LYS B 31 4.22 -0.72 25.37
N TRP B 32 4.92 0.40 25.35
CA TRP B 32 4.40 1.62 24.74
C TRP B 32 4.20 1.43 23.24
N ARG B 33 3.10 1.95 22.71
CA ARG B 33 2.84 1.82 21.30
C ARG B 33 2.42 3.18 20.74
N ILE B 34 2.13 3.21 19.45
CA ILE B 34 1.82 4.46 18.75
C ILE B 34 0.52 4.24 18.00
N GLY B 35 -0.56 4.94 18.37
CA GLY B 35 -1.74 4.93 17.51
C GLY B 35 -1.90 6.21 16.71
N THR B 36 -2.44 6.11 15.51
N THR B 36 -2.43 6.12 15.50
CA THR B 36 -2.59 7.29 14.66
CA THR B 36 -2.62 7.32 14.70
C THR B 36 -4.03 7.34 14.18
C THR B 36 -4.06 7.33 14.25
N GLU B 37 -4.63 8.53 14.18
CA GLU B 37 -5.93 8.71 13.60
C GLU B 37 -5.82 9.85 12.63
N HIS B 38 -6.57 9.77 11.54
CA HIS B 38 -6.66 10.92 10.64
C HIS B 38 -7.99 10.86 9.91
N GLU B 39 -8.41 12.02 9.43
CA GLU B 39 -9.64 12.18 8.66
C GLU B 39 -9.37 12.85 7.31
N LYS B 40 -10.26 12.61 6.35
CA LYS B 40 -10.04 13.03 4.96
C LYS B 40 -11.36 13.51 4.38
N PHE B 41 -11.32 14.50 3.48
CA PHE B 41 -12.52 14.92 2.75
C PHE B 41 -12.74 14.14 1.47
N GLY B 42 -13.86 13.44 1.35
CA GLY B 42 -14.16 12.80 0.08
C GLY B 42 -14.93 13.73 -0.84
N PHE B 43 -14.71 13.63 -2.15
CA PHE B 43 -15.32 14.55 -3.09
C PHE B 43 -15.52 13.88 -4.43
N GLU B 44 -16.55 14.31 -5.17
CA GLU B 44 -16.74 13.84 -6.54
C GLU B 44 -15.71 14.53 -7.42
N VAL B 45 -14.97 13.77 -8.21
CA VAL B 45 -13.87 14.38 -8.94
C VAL B 45 -14.38 15.32 -10.05
N ASN B 46 -15.57 15.06 -10.58
CA ASN B 46 -16.05 15.88 -11.69
C ASN B 46 -16.59 17.24 -11.24
N THR B 47 -17.34 17.26 -10.14
CA THR B 47 -17.88 18.51 -9.62
C THR B 47 -17.15 19.12 -8.42
N LEU B 48 -16.21 18.37 -7.83
CA LEU B 48 -15.60 18.74 -6.56
C LEU B 48 -16.54 18.68 -5.34
N ARG B 49 -17.81 18.33 -5.54
CA ARG B 49 -18.79 18.30 -4.44
C ARG B 49 -18.42 17.31 -3.32
N PRO B 50 -18.73 17.65 -2.07
CA PRO B 50 -18.55 16.72 -0.96
C PRO B 50 -19.28 15.41 -1.21
N MET B 51 -18.70 14.26 -0.87
CA MET B 51 -19.43 13.03 -1.13
CA MET B 51 -19.38 12.99 -1.08
C MET B 51 -20.55 12.90 -0.12
N LYS B 52 -21.67 12.37 -0.60
CA LYS B 52 -22.86 12.28 0.24
C LYS B 52 -22.96 10.90 0.88
N TYR B 53 -23.92 10.74 1.78
CA TYR B 53 -23.97 9.51 2.58
C TYR B 53 -24.16 8.28 1.70
N ASP B 54 -25.01 8.36 0.68
CA ASP B 54 -25.23 7.19 -0.17
C ASP B 54 -23.96 6.67 -0.81
N GLN B 55 -23.09 7.58 -1.25
CA GLN B 55 -21.81 7.21 -1.85
C GLN B 55 -20.88 6.65 -0.76
N ILE B 56 -20.91 7.26 0.42
CA ILE B 56 -20.12 6.78 1.54
C ILE B 56 -20.52 5.37 1.95
N ALA B 57 -21.82 5.07 1.94
CA ALA B 57 -22.29 3.73 2.31
C ALA B 57 -21.80 2.70 1.31
N GLU B 58 -21.80 3.05 0.02
CA GLU B 58 -21.30 2.15 -1.00
C GLU B 58 -19.81 1.94 -0.80
N LEU B 59 -19.09 3.03 -0.53
CA LEU B 59 -17.66 2.94 -0.29
C LEU B 59 -17.37 2.01 0.89
N LEU B 60 -18.07 2.19 2.02
CA LEU B 60 -17.84 1.35 3.18
C LEU B 60 -18.18 -0.13 2.91
N ASN B 61 -19.29 -0.38 2.26
CA ASN B 61 -19.68 -1.75 1.96
C ASN B 61 -18.66 -2.45 1.04
N SER B 62 -18.14 -1.72 0.07
CA SER B 62 -17.20 -2.32 -0.89
C SER B 62 -15.87 -2.59 -0.21
N ILE B 63 -15.41 -1.65 0.62
CA ILE B 63 -14.18 -1.91 1.36
C ILE B 63 -14.36 -3.15 2.24
N ALA B 64 -15.49 -3.25 2.93
CA ALA B 64 -15.72 -4.37 3.84
C ALA B 64 -15.62 -5.71 3.08
N GLU B 65 -16.22 -5.74 1.90
CA GLU B 65 -16.34 -6.97 1.12
C GLU B 65 -15.04 -7.37 0.46
N ARG B 66 -14.32 -6.39 -0.08
CA ARG B 66 -13.07 -6.65 -0.78
C ARG B 66 -11.93 -6.96 0.15
N PHE B 67 -11.82 -6.14 1.20
CA PHE B 67 -10.67 -6.14 2.12
C PHE B 67 -10.89 -6.81 3.48
N GLU B 68 -12.07 -7.40 3.66
CA GLU B 68 -12.45 -8.14 4.85
C GLU B 68 -12.47 -7.31 6.13
N TRP B 69 -13.41 -6.38 6.19
CA TRP B 69 -13.67 -5.60 7.38
C TRP B 69 -15.06 -5.96 7.88
N GLU B 70 -15.23 -5.98 9.19
CA GLU B 70 -16.55 -6.11 9.80
C GLU B 70 -17.33 -4.79 9.66
N LYS B 71 -18.62 -4.87 9.35
CA LYS B 71 -19.41 -3.65 9.21
C LYS B 71 -19.93 -3.16 10.56
N VAL B 72 -19.92 -1.84 10.74
CA VAL B 72 -20.41 -1.18 11.96
C VAL B 72 -21.66 -0.37 11.64
N MET B 73 -22.78 -0.71 12.28
CA MET B 73 -24.09 -0.13 11.97
C MET B 73 -24.59 0.79 13.09
N GLU B 74 -25.35 1.81 12.69
CA GLU B 74 -26.21 2.50 13.65
C GLU B 74 -27.60 2.39 13.05
N GLY B 75 -28.47 1.68 13.75
CA GLY B 75 -29.74 1.28 13.17
C GLY B 75 -29.47 0.47 11.94
N ASP B 76 -30.17 0.78 10.86
CA ASP B 76 -29.97 0.08 9.60
C ASP B 76 -28.92 0.72 8.69
N LYS B 77 -28.23 1.73 9.18
CA LYS B 77 -27.27 2.47 8.35
C LYS B 77 -25.84 2.02 8.65
N ILE B 78 -25.04 1.67 7.63
CA ILE B 78 -23.62 1.40 7.89
C ILE B 78 -22.93 2.73 8.12
N ILE B 79 -22.35 2.89 9.30
CA ILE B 79 -21.53 4.04 9.64
C ILE B 79 -20.03 3.86 9.76
N GLY B 80 -19.52 2.63 9.62
CA GLY B 80 -18.08 2.44 9.82
C GLY B 80 -17.66 0.99 9.62
N LEU B 81 -16.40 0.69 9.91
CA LEU B 81 -15.83 -0.65 9.71
C LEU B 81 -14.87 -0.95 10.83
N LYS B 82 -14.66 -2.22 11.14
CA LYS B 82 -13.60 -2.58 12.07
C LYS B 82 -12.87 -3.83 11.60
N GLN B 83 -11.56 -3.84 11.80
CA GLN B 83 -10.78 -5.03 11.50
C GLN B 83 -9.72 -5.13 12.58
N GLY B 84 -9.74 -6.16 13.40
CA GLY B 84 -8.80 -6.19 14.50
C GLY B 84 -8.83 -4.92 15.36
N LYS B 85 -7.67 -4.29 15.52
CA LYS B 85 -7.51 -3.07 16.33
C LYS B 85 -7.62 -1.77 15.52
N GLN B 86 -8.00 -1.88 14.25
CA GLN B 86 -8.25 -0.71 13.39
C GLN B 86 -9.74 -0.48 13.21
N SER B 87 -10.16 0.76 13.03
CA SER B 87 -11.54 1.01 12.64
C SER B 87 -11.59 2.16 11.66
N ILE B 88 -12.61 2.17 10.82
CA ILE B 88 -12.87 3.29 9.93
C ILE B 88 -14.20 3.87 10.37
N SER B 89 -14.26 5.19 10.50
CA SER B 89 -15.48 5.83 10.96
CA SER B 89 -15.46 5.85 11.00
C SER B 89 -15.79 7.11 10.19
N LEU B 90 -16.91 7.73 10.50
CA LEU B 90 -17.33 8.91 9.78
C LEU B 90 -17.46 10.08 10.76
N GLU B 91 -16.85 11.21 10.43
CA GLU B 91 -17.11 12.43 11.19
C GLU B 91 -18.41 13.05 10.73
N PRO B 92 -18.84 14.16 11.40
CA PRO B 92 -20.22 14.62 11.13
C PRO B 92 -20.52 15.06 9.69
N GLY B 93 -19.53 15.59 8.99
CA GLY B 93 -19.75 15.99 7.60
C GLY B 93 -19.25 14.94 6.61
N GLY B 94 -19.10 13.71 7.08
CA GLY B 94 -18.67 12.63 6.19
C GLY B 94 -17.17 12.48 6.04
N GLN B 95 -16.39 13.27 6.78
CA GLN B 95 -14.95 13.11 6.70
C GLN B 95 -14.63 11.65 7.02
N PHE B 96 -13.69 11.07 6.29
CA PHE B 96 -13.48 9.62 6.29
C PHE B 96 -12.27 9.31 7.13
N GLU B 97 -12.49 8.67 8.28
CA GLU B 97 -11.47 8.54 9.31
CA GLU B 97 -11.50 8.55 9.34
C GLU B 97 -10.94 7.12 9.50
N LEU B 98 -9.64 7.01 9.76
CA LEU B 98 -9.03 5.74 10.15
C LEU B 98 -8.48 5.93 11.55
N SER B 99 -8.83 5.03 12.46
CA SER B 99 -8.20 4.97 13.76
C SER B 99 -7.36 3.70 13.76
N GLY B 100 -6.03 3.85 13.73
CA GLY B 100 -5.16 2.70 13.51
C GLY B 100 -4.90 1.86 14.74
N ALA B 101 -4.20 0.74 14.54
CA ALA B 101 -3.84 -0.21 15.61
C ALA B 101 -2.68 0.31 16.45
N PRO B 102 -2.53 -0.20 17.68
CA PRO B 102 -1.32 0.20 18.40
C PRO B 102 -0.08 -0.44 17.78
N LEU B 103 0.90 0.37 17.38
CA LEU B 103 2.03 -0.15 16.60
C LEU B 103 3.32 0.19 17.31
N GLU B 104 4.34 -0.65 17.10
CA GLU B 104 5.59 -0.44 17.78
C GLU B 104 6.51 0.61 17.15
N THR B 105 6.53 0.69 15.81
CA THR B 105 7.44 1.60 15.12
C THR B 105 6.71 2.46 14.10
N LEU B 106 7.29 3.60 13.79
CA LEU B 106 6.72 4.52 12.79
C LEU B 106 6.80 3.97 11.38
N HIS B 107 7.66 2.97 11.15
CA HIS B 107 7.65 2.28 9.86
C HIS B 107 6.36 1.54 9.72
N GLN B 108 5.92 0.91 10.80
CA GLN B 108 4.63 0.23 10.78
C GLN B 108 3.46 1.22 10.66
N THR B 109 3.56 2.37 11.34
CA THR B 109 2.57 3.43 11.24
C THR B 109 2.36 3.87 9.80
N CYS B 110 3.45 4.17 9.12
CA CYS B 110 3.30 4.71 7.77
C CYS B 110 2.81 3.62 6.79
N ALA B 111 3.24 2.38 7.01
CA ALA B 111 2.72 1.28 6.19
C ALA B 111 1.20 1.15 6.35
N GLU B 112 0.72 1.37 7.57
CA GLU B 112 -0.72 1.22 7.85
C GLU B 112 -1.52 2.36 7.18
N VAL B 113 -0.97 3.56 7.21
CA VAL B 113 -1.55 4.68 6.46
C VAL B 113 -1.59 4.34 4.97
N ASN B 114 -0.49 3.83 4.44
CA ASN B 114 -0.44 3.51 2.99
C ASN B 114 -1.47 2.45 2.64
N SER B 115 -1.60 1.42 3.49
CA SER B 115 -2.58 0.36 3.23
C SER B 115 -3.98 0.94 3.14
N HIS B 116 -4.33 1.78 4.11
CA HIS B 116 -5.67 2.34 4.11
C HIS B 116 -5.92 3.24 2.89
N LEU B 117 -4.96 4.08 2.53
CA LEU B 117 -5.14 4.93 1.38
C LEU B 117 -5.27 4.12 0.09
N TYR B 118 -4.50 3.05 0.00
CA TYR B 118 -4.64 2.14 -1.14
C TYR B 118 -6.06 1.54 -1.21
N GLN B 119 -6.55 1.01 -0.10
CA GLN B 119 -7.89 0.39 -0.10
C GLN B 119 -9.01 1.37 -0.44
N VAL B 120 -8.93 2.56 0.14
CA VAL B 120 -9.95 3.57 -0.12
C VAL B 120 -9.96 3.95 -1.60
N LYS B 121 -8.78 4.21 -2.17
CA LYS B 121 -8.68 4.64 -3.57
C LYS B 121 -9.07 3.51 -4.52
N ALA B 122 -8.78 2.28 -4.13
CA ALA B 122 -9.09 1.11 -4.97
C ALA B 122 -10.59 1.02 -5.20
N VAL B 123 -11.39 1.36 -4.18
CA VAL B 123 -12.84 1.42 -4.36
C VAL B 123 -13.33 2.75 -4.94
N ALA B 124 -12.80 3.83 -4.39
CA ALA B 124 -13.30 5.17 -4.72
C ALA B 124 -13.09 5.56 -6.18
N GLU B 125 -11.97 5.19 -6.78
CA GLU B 125 -11.65 5.63 -8.13
CA GLU B 125 -11.66 5.67 -8.12
C GLU B 125 -12.74 5.24 -9.12
N GLU B 126 -13.25 4.01 -8.99
CA GLU B 126 -14.34 3.53 -9.87
C GLU B 126 -15.64 4.29 -9.64
N MET B 127 -15.79 4.85 -8.44
CA MET B 127 -16.98 5.62 -8.10
C MET B 127 -16.87 7.07 -8.50
N GLY B 128 -15.73 7.47 -9.06
CA GLY B 128 -15.51 8.86 -9.38
C GLY B 128 -15.28 9.74 -8.15
N ILE B 129 -14.68 9.17 -7.11
CA ILE B 129 -14.47 9.87 -5.84
CA ILE B 129 -14.47 9.85 -5.83
C ILE B 129 -12.98 10.00 -5.53
N GLY B 130 -12.57 11.22 -5.19
CA GLY B 130 -11.24 11.49 -4.65
C GLY B 130 -11.28 11.85 -3.17
N PHE B 131 -10.11 11.90 -2.53
CA PHE B 131 -9.98 12.35 -1.15
C PHE B 131 -8.95 13.49 -1.05
N LEU B 132 -9.25 14.47 -0.22
CA LEU B 132 -8.48 15.70 -0.12
C LEU B 132 -7.89 15.77 1.30
N GLY B 133 -6.57 15.72 1.48
CA GLY B 133 -6.05 16.05 2.80
C GLY B 133 -5.81 17.54 3.09
N MET B 134 -6.58 18.16 3.95
CA MET B 134 -6.37 19.57 4.31
C MET B 134 -7.07 19.72 5.62
N GLY B 135 -6.78 20.81 6.33
CA GLY B 135 -7.38 20.97 7.65
C GLY B 135 -8.80 21.52 7.67
N PHE B 136 -9.22 22.21 6.60
CA PHE B 136 -10.54 22.83 6.51
C PHE B 136 -11.01 22.76 5.05
N GLN B 137 -12.28 22.45 4.84
CA GLN B 137 -12.87 22.31 3.50
C GLN B 137 -12.70 23.64 2.80
N PRO B 138 -11.91 23.68 1.69
CA PRO B 138 -11.53 24.96 1.06
C PRO B 138 -12.59 25.67 0.19
N LYS B 139 -13.62 24.94 -0.22
CA LYS B 139 -14.49 25.40 -1.30
C LYS B 139 -15.92 25.67 -0.84
N TRP B 140 -16.54 24.65 -0.27
CA TRP B 140 -17.96 24.68 0.04
C TRP B 140 -18.40 25.36 1.35
N ARG B 141 -19.64 25.84 1.35
CA ARG B 141 -20.25 26.45 2.52
C ARG B 141 -20.66 25.42 3.56
N ARG B 142 -20.84 25.86 4.80
CA ARG B 142 -21.26 24.98 5.88
C ARG B 142 -22.53 24.23 5.45
N GLU B 143 -23.44 24.94 4.80
CA GLU B 143 -24.74 24.39 4.40
CA GLU B 143 -24.72 24.34 4.45
C GLU B 143 -24.63 23.38 3.26
N ASP B 144 -23.50 23.37 2.56
CA ASP B 144 -23.27 22.42 1.45
C ASP B 144 -22.80 21.03 1.91
N ILE B 145 -22.46 20.89 3.18
CA ILE B 145 -21.85 19.65 3.66
C ILE B 145 -22.94 18.62 4.06
N PRO B 146 -22.83 17.39 3.56
CA PRO B 146 -23.80 16.37 4.01
C PRO B 146 -23.63 16.07 5.50
N THR B 147 -24.73 15.83 6.19
CA THR B 147 -24.67 15.49 7.60
C THR B 147 -24.94 14.00 7.73
N MET B 148 -24.08 13.30 8.47
CA MET B 148 -24.21 11.84 8.59
C MET B 148 -25.35 11.42 9.51
N PRO B 149 -25.93 10.25 9.24
CA PRO B 149 -27.03 9.74 10.07
C PRO B 149 -26.55 9.11 11.38
N LYS B 150 -26.05 9.93 12.29
CA LYS B 150 -25.53 9.42 13.56
C LYS B 150 -26.10 10.27 14.68
N GLY B 151 -26.73 9.62 15.67
CA GLY B 151 -27.48 10.31 16.70
C GLY B 151 -26.60 11.19 17.57
N ARG B 152 -25.38 10.75 17.83
CA ARG B 152 -24.42 11.55 18.60
CA ARG B 152 -24.43 11.55 18.61
C ARG B 152 -24.27 12.91 17.96
N TYR B 153 -24.14 12.92 16.64
CA TYR B 153 -23.93 14.15 15.88
C TYR B 153 -25.19 14.99 15.79
N ASP B 154 -26.36 14.36 15.68
CA ASP B 154 -27.61 15.12 15.70
C ASP B 154 -27.71 15.90 16.99
N ILE B 155 -27.33 15.27 18.10
CA ILE B 155 -27.35 15.92 19.41
C ILE B 155 -26.36 17.07 19.47
N MET B 156 -25.14 16.83 18.99
CA MET B 156 -24.10 17.85 19.01
C MET B 156 -24.47 19.04 18.13
N ARG B 157 -25.07 18.78 16.97
CA ARG B 157 -25.38 19.88 16.04
C ARG B 157 -26.41 20.85 16.64
N ASN B 158 -27.35 20.30 17.40
CA ASN B 158 -28.34 21.11 18.08
C ASN B 158 -27.73 21.92 19.24
N TYR B 159 -26.72 21.34 19.86
CA TYR B 159 -26.03 22.00 20.97
C TYR B 159 -25.01 23.09 20.57
N MET B 160 -24.29 22.91 19.47
CA MET B 160 -23.16 23.80 19.20
C MET B 160 -23.51 25.31 19.18
N PRO B 161 -24.63 25.70 18.58
CA PRO B 161 -24.92 27.14 18.51
C PRO B 161 -25.12 27.80 19.87
N LYS B 162 -25.45 26.98 20.87
CA LYS B 162 -25.65 27.51 22.21
C LYS B 162 -24.33 27.87 22.88
N VAL B 163 -23.27 27.18 22.51
CA VAL B 163 -21.94 27.40 23.07
C VAL B 163 -20.87 28.12 22.23
N GLY B 164 -21.17 28.48 20.99
CA GLY B 164 -20.18 29.12 20.15
C GLY B 164 -20.67 29.32 18.74
N SER B 165 -19.96 30.12 17.95
CA SER B 165 -20.38 30.28 16.57
C SER B 165 -19.67 29.40 15.56
N LEU B 166 -18.55 28.78 15.94
CA LEU B 166 -17.79 27.93 15.01
C LEU B 166 -17.85 26.40 15.18
N GLY B 167 -18.52 25.91 16.20
CA GLY B 167 -18.55 24.47 16.46
C GLY B 167 -19.17 23.64 15.33
N LEU B 168 -20.10 24.21 14.58
CA LEU B 168 -20.63 23.47 13.46
C LEU B 168 -19.58 23.36 12.36
N ASP B 169 -18.67 24.33 12.26
CA ASP B 169 -17.61 24.19 11.28
C ASP B 169 -16.56 23.17 11.75
N MET B 170 -16.34 23.09 13.06
CA MET B 170 -15.48 22.04 13.60
C MET B 170 -16.05 20.70 13.16
N MET B 171 -17.34 20.50 13.41
CA MET B 171 -17.97 19.23 13.07
C MET B 171 -17.97 18.91 11.57
N LEU B 172 -18.43 19.86 10.76
CA LEU B 172 -18.64 19.63 9.34
C LEU B 172 -17.45 19.82 8.40
N ARG B 173 -16.66 20.85 8.69
CA ARG B 173 -15.60 21.33 7.80
C ARG B 173 -14.13 21.10 8.12
N THR B 174 -13.79 20.38 9.19
CA THR B 174 -12.38 20.22 9.55
C THR B 174 -11.90 18.77 9.48
N CYS B 175 -10.57 18.59 9.33
CA CYS B 175 -9.92 17.27 9.39
C CYS B 175 -8.64 17.40 10.18
N THR B 176 -8.35 16.41 11.01
CA THR B 176 -7.11 16.42 11.80
C THR B 176 -6.27 15.17 11.51
N VAL B 177 -4.98 15.21 11.84
CA VAL B 177 -4.24 13.98 12.05
C VAL B 177 -3.71 14.05 13.48
N GLN B 178 -3.94 12.99 14.25
CA GLN B 178 -3.52 12.95 15.64
C GLN B 178 -2.76 11.66 15.96
N VAL B 179 -2.02 11.68 17.05
CA VAL B 179 -1.27 10.51 17.51
C VAL B 179 -1.66 10.28 18.96
N ASN B 180 -1.72 8.99 19.31
CA ASN B 180 -2.09 8.51 20.63
C ASN B 180 -0.85 7.85 21.20
N LEU B 181 -0.49 8.20 22.43
CA LEU B 181 0.72 7.70 23.04
C LEU B 181 0.49 7.30 24.49
N ASP B 182 1.40 6.50 25.03
CA ASP B 182 1.20 5.84 26.33
C ASP B 182 2.08 6.46 27.38
N PHE B 183 1.65 6.36 28.65
CA PHE B 183 2.43 6.79 29.81
C PHE B 183 2.65 5.58 30.74
N SER B 184 3.74 5.58 31.50
CA SER B 184 4.06 4.46 32.39
C SER B 184 3.61 4.61 33.84
N SER B 185 3.21 5.83 34.21
CA SER B 185 2.87 6.15 35.60
C SER B 185 2.17 7.50 35.64
N GLU B 186 1.71 7.90 36.82
CA GLU B 186 1.09 9.21 36.93
C GLU B 186 2.11 10.33 36.71
N ALA B 187 3.34 10.15 37.22
CA ALA B 187 4.39 11.13 37.06
C ALA B 187 4.76 11.30 35.59
N ASP B 188 4.81 10.19 34.86
CA ASP B 188 5.17 10.20 33.46
C ASP B 188 4.04 10.85 32.65
N MET B 189 2.81 10.58 33.04
CA MET B 189 1.64 11.19 32.41
C MET B 189 1.69 12.70 32.56
N ILE B 190 2.05 13.18 33.75
CA ILE B 190 2.06 14.61 33.98
C ILE B 190 3.12 15.29 33.14
N ARG B 191 4.29 14.68 33.07
CA ARG B 191 5.38 15.24 32.28
CA ARG B 191 5.38 15.24 32.28
C ARG B 191 5.00 15.29 30.80
N LYS B 192 4.42 14.20 30.30
CA LYS B 192 3.97 14.17 28.89
C LYS B 192 2.82 15.14 28.58
N PHE B 193 1.88 15.32 29.50
CA PHE B 193 0.77 16.25 29.31
C PHE B 193 1.32 17.69 29.21
N ARG B 194 2.26 18.02 30.08
CA ARG B 194 2.86 19.37 30.08
C ARG B 194 3.72 19.64 28.84
N ALA B 195 4.55 18.68 28.44
CA ALA B 195 5.34 18.79 27.22
C ALA B 195 4.42 18.92 26.02
N GLY B 196 3.38 18.09 25.99
CA GLY B 196 2.43 18.12 24.89
C GLY B 196 1.66 19.43 24.79
N LEU B 197 1.18 19.97 25.90
CA LEU B 197 0.41 21.22 25.84
C LEU B 197 1.32 22.37 25.41
N ALA B 198 2.50 22.45 26.01
CA ALA B 198 3.41 23.58 25.72
C ALA B 198 3.83 23.63 24.25
N LEU B 199 4.14 22.47 23.68
CA LEU B 199 4.60 22.42 22.30
C LEU B 199 3.47 22.26 21.29
N GLN B 200 2.22 22.11 21.74
CA GLN B 200 1.13 21.86 20.79
C GLN B 200 1.04 22.93 19.71
N PRO B 201 1.19 24.21 20.08
CA PRO B 201 1.11 25.26 19.06
C PRO B 201 2.24 25.17 18.05
N ILE B 202 3.38 24.61 18.45
CA ILE B 202 4.46 24.38 17.50
C ILE B 202 4.04 23.37 16.44
N ALA B 203 3.39 22.30 16.89
CA ALA B 203 2.90 21.29 15.96
C ALA B 203 1.85 21.92 15.04
N THR B 204 0.97 22.72 15.62
CA THR B 204 -0.07 23.39 14.85
C THR B 204 0.56 24.25 13.76
N ALA B 205 1.65 24.92 14.08
CA ALA B 205 2.32 25.76 13.07
C ALA B 205 2.94 24.91 11.96
N LEU B 206 3.69 23.86 12.33
CA LEU B 206 4.38 23.01 11.36
CA LEU B 206 4.38 23.00 11.37
C LEU B 206 3.40 22.36 10.37
N PHE B 207 2.22 22.00 10.87
CA PHE B 207 1.22 21.29 10.07
C PHE B 207 0.13 22.20 9.48
N ALA B 208 0.22 23.52 9.71
CA ALA B 208 -0.88 24.41 9.33
C ALA B 208 -1.16 24.26 7.84
N ASN B 209 -2.36 23.75 7.61
CA ASN B 209 -2.93 23.37 6.34
C ASN B 209 -4.23 23.97 5.82
N SER B 210 -4.74 25.07 6.38
CA SER B 210 -6.13 25.45 6.06
C SER B 210 -6.35 26.96 5.84
N PRO B 211 -5.71 27.52 4.83
CA PRO B 211 -5.80 28.93 4.45
C PRO B 211 -7.08 29.39 3.73
N PHE B 212 -7.91 28.48 3.25
CA PHE B 212 -9.05 28.86 2.41
C PHE B 212 -10.40 28.59 3.04
N THR B 213 -11.33 29.50 2.81
CA THR B 213 -12.73 29.26 3.10
C THR B 213 -13.52 29.74 1.90
N GLU B 214 -14.40 28.88 1.39
CA GLU B 214 -15.36 29.23 0.37
C GLU B 214 -14.69 29.88 -0.83
N GLY B 215 -13.56 29.29 -1.21
CA GLY B 215 -12.93 29.58 -2.49
C GLY B 215 -11.94 30.73 -2.46
N LYS B 216 -11.76 31.32 -1.28
CA LYS B 216 -10.93 32.51 -1.11
C LYS B 216 -10.03 32.37 0.11
N PRO B 217 -8.93 33.16 0.17
CA PRO B 217 -8.17 33.20 1.43
C PRO B 217 -9.03 33.62 2.62
N ASN B 218 -8.86 32.94 3.76
CA ASN B 218 -9.60 33.29 4.95
C ASN B 218 -8.85 34.12 5.99
N GLY B 219 -7.58 34.40 5.73
CA GLY B 219 -6.78 35.20 6.65
C GLY B 219 -6.01 34.39 7.68
N PHE B 220 -6.23 33.08 7.67
CA PHE B 220 -5.55 32.19 8.62
C PHE B 220 -4.63 31.25 7.88
N LEU B 221 -3.60 30.77 8.59
CA LEU B 221 -2.86 29.60 8.14
C LEU B 221 -3.53 28.30 8.58
N SER B 222 -3.95 28.22 9.84
CA SER B 222 -4.86 27.14 10.19
C SER B 222 -6.18 27.70 10.65
N MET B 223 -7.17 27.68 9.76
CA MET B 223 -8.52 28.08 10.13
C MET B 223 -9.05 26.99 11.03
N ARG B 224 -8.63 25.76 10.75
CA ARG B 224 -9.04 24.65 11.60
C ARG B 224 -8.76 24.93 13.09
N SER B 225 -7.54 25.35 13.38
CA SER B 225 -7.14 25.55 14.77
C SER B 225 -7.92 26.71 15.36
N HIS B 226 -8.13 27.74 14.54
CA HIS B 226 -8.88 28.90 14.99
C HIS B 226 -10.29 28.52 15.38
N ILE B 227 -10.91 27.66 14.59
CA ILE B 227 -12.28 27.19 14.84
C ILE B 227 -12.37 26.61 16.25
N TRP B 228 -11.32 25.92 16.68
CA TRP B 228 -11.35 25.29 17.98
C TRP B 228 -11.40 26.28 19.16
N THR B 229 -11.17 27.58 18.91
CA THR B 229 -11.28 28.59 19.96
C THR B 229 -12.66 29.26 20.10
N ASP B 230 -13.49 29.10 19.09
CA ASP B 230 -14.92 29.41 19.12
C ASP B 230 -15.93 28.27 19.19
N THR B 231 -15.49 27.06 19.50
CA THR B 231 -16.39 25.92 19.53
C THR B 231 -17.15 25.82 20.86
N ASP B 232 -16.46 25.46 21.93
CA ASP B 232 -17.07 25.44 23.25
C ASP B 232 -15.99 25.74 24.28
N LYS B 233 -16.15 26.76 25.11
CA LYS B 233 -15.10 27.11 26.09
C LYS B 233 -14.98 26.05 27.18
N ASP B 234 -16.05 25.31 27.45
CA ASP B 234 -16.08 24.33 28.53
C ASP B 234 -15.18 23.12 28.28
N ARG B 235 -15.14 22.68 27.03
CA ARG B 235 -14.39 21.50 26.57
C ARG B 235 -13.09 21.67 25.77
N THR B 236 -12.56 22.89 25.63
CA THR B 236 -11.41 23.11 24.74
C THR B 236 -10.23 23.83 25.39
N GLY B 237 -9.17 23.97 24.61
CA GLY B 237 -8.05 24.81 25.00
C GLY B 237 -6.81 24.19 25.63
N MET B 238 -6.06 25.06 26.30
CA MET B 238 -4.69 24.80 26.77
C MET B 238 -4.58 24.32 28.23
N LEU B 239 -5.72 24.11 28.87
CA LEU B 239 -5.78 23.47 30.18
C LEU B 239 -4.69 23.96 31.11
N PRO B 240 -4.75 25.24 31.51
CA PRO B 240 -3.69 25.78 32.37
C PRO B 240 -3.52 24.98 33.67
N PHE B 241 -4.60 24.38 34.16
CA PHE B 241 -4.53 23.72 35.47
C PHE B 241 -3.58 22.52 35.44
N VAL B 242 -3.23 22.04 34.24
CA VAL B 242 -2.34 20.89 34.10
C VAL B 242 -0.96 21.23 34.63
N PHE B 243 -0.64 22.53 34.68
CA PHE B 243 0.69 22.95 35.07
C PHE B 243 0.80 23.30 36.55
N ASP B 244 -0.31 23.21 37.27
CA ASP B 244 -0.31 23.42 38.71
C ASP B 244 0.23 22.23 39.47
N ASP B 245 0.79 22.49 40.64
CA ASP B 245 1.39 21.44 41.44
C ASP B 245 0.42 20.32 41.76
N SER B 246 -0.86 20.67 41.86
CA SER B 246 -1.89 19.71 42.23
C SER B 246 -2.22 18.70 41.13
N PHE B 247 -1.71 18.91 39.92
CA PHE B 247 -2.22 18.11 38.81
C PHE B 247 -1.84 16.64 38.87
N GLY B 248 -2.79 15.81 38.45
CA GLY B 248 -2.61 14.37 38.34
C GLY B 248 -3.93 13.77 37.87
N PHE B 249 -4.03 12.43 37.89
CA PHE B 249 -5.25 11.79 37.44
C PHE B 249 -6.48 12.34 38.14
N GLU B 250 -6.39 12.60 39.43
CA GLU B 250 -7.55 13.05 40.20
C GLU B 250 -8.08 14.39 39.68
N GLN B 251 -7.19 15.34 39.45
CA GLN B 251 -7.62 16.65 38.99
C GLN B 251 -8.22 16.55 37.57
N TYR B 252 -7.68 15.67 36.72
CA TYR B 252 -8.24 15.52 35.39
C TYR B 252 -9.65 14.95 35.45
N VAL B 253 -9.87 14.03 36.37
CA VAL B 253 -11.20 13.46 36.56
C VAL B 253 -12.17 14.54 37.08
N ASP B 254 -11.74 15.37 38.02
CA ASP B 254 -12.61 16.45 38.47
C ASP B 254 -12.95 17.40 37.31
N TYR B 255 -11.97 17.72 36.49
CA TYR B 255 -12.20 18.57 35.31
C TYR B 255 -13.25 17.93 34.40
N ALA B 256 -13.07 16.66 34.10
CA ALA B 256 -13.98 15.99 33.18
C ALA B 256 -15.39 15.82 33.78
N LEU B 257 -15.47 15.63 35.09
CA LEU B 257 -16.77 15.47 35.73
C LEU B 257 -17.61 16.72 35.60
N ASP B 258 -16.95 17.86 35.54
CA ASP B 258 -17.63 19.14 35.45
C ASP B 258 -17.76 19.67 34.01
N VAL B 259 -17.28 18.91 33.02
CA VAL B 259 -17.59 19.25 31.63
C VAL B 259 -18.97 18.70 31.29
N PRO B 260 -19.90 19.55 30.82
CA PRO B 260 -21.26 19.07 30.57
C PRO B 260 -21.32 17.93 29.58
N MET B 261 -22.24 16.99 29.79
CA MET B 261 -22.43 15.86 28.89
C MET B 261 -23.11 16.26 27.58
N TYR B 262 -22.93 15.41 26.58
CA TYR B 262 -23.67 15.44 25.32
C TYR B 262 -24.79 14.41 25.38
N PHE B 263 -24.42 13.15 25.59
CA PHE B 263 -25.33 12.03 25.44
C PHE B 263 -25.00 10.91 26.41
N ALA B 264 -25.98 10.06 26.63
CA ALA B 264 -25.76 8.77 27.26
C ALA B 264 -26.27 7.75 26.26
N TYR B 265 -25.54 6.65 26.09
CA TYR B 265 -25.89 5.63 25.09
C TYR B 265 -26.59 4.44 25.72
N ARG B 266 -27.83 4.17 25.27
CA ARG B 266 -28.62 3.03 25.73
C ARG B 266 -29.43 2.39 24.59
N ASN B 267 -29.35 1.07 24.47
CA ASN B 267 -30.17 0.31 23.52
C ASN B 267 -29.91 0.66 22.06
N GLY B 268 -28.66 0.99 21.73
CA GLY B 268 -28.33 1.35 20.38
C GLY B 268 -28.78 2.75 20.04
N LYS B 269 -29.10 3.51 21.09
CA LYS B 269 -29.68 4.84 20.94
C LYS B 269 -28.91 5.88 21.73
N TYR B 270 -28.79 7.08 21.18
CA TYR B 270 -28.21 8.23 21.87
C TYR B 270 -29.30 9.09 22.52
N VAL B 271 -29.20 9.23 23.84
CA VAL B 271 -30.13 10.08 24.58
C VAL B 271 -29.51 11.45 24.84
N ASP B 272 -30.25 12.52 24.57
CA ASP B 272 -29.65 13.84 24.69
C ASP B 272 -29.61 14.25 26.16
N CYS B 273 -28.39 14.33 26.67
CA CYS B 273 -28.04 14.73 28.02
C CYS B 273 -27.47 16.14 28.20
N THR B 274 -27.55 16.96 27.15
CA THR B 274 -26.93 18.28 27.22
C THR B 274 -27.46 19.14 28.39
N GLY B 275 -26.57 19.93 28.98
CA GLY B 275 -26.89 20.77 30.10
C GLY B 275 -26.77 20.04 31.43
N MET B 276 -26.41 18.77 31.37
CA MET B 276 -26.33 17.93 32.56
C MET B 276 -24.90 17.43 32.73
N THR B 277 -24.54 17.01 33.93
CA THR B 277 -23.16 16.66 34.22
C THR B 277 -22.99 15.17 34.53
N PHE B 278 -21.80 14.65 34.26
CA PHE B 278 -21.48 13.28 34.67
C PHE B 278 -21.53 13.11 36.20
N ARG B 279 -21.42 14.21 36.95
CA ARG B 279 -21.59 14.13 38.42
C ARG B 279 -23.00 13.73 38.78
N GLN B 280 -23.97 14.31 38.08
CA GLN B 280 -25.36 13.91 38.26
C GLN B 280 -25.50 12.45 37.89
N PHE B 281 -24.81 12.04 36.84
CA PHE B 281 -24.90 10.67 36.37
C PHE B 281 -24.38 9.73 37.48
N LEU B 282 -23.23 10.05 38.06
CA LEU B 282 -22.64 9.21 39.11
C LEU B 282 -23.61 9.03 40.27
N ALA B 283 -24.34 10.10 40.60
CA ALA B 283 -25.26 10.12 41.72
C ALA B 283 -26.62 9.53 41.37
N GLY B 284 -26.80 9.13 40.11
CA GLY B 284 -28.04 8.52 39.67
C GLY B 284 -29.13 9.58 39.50
N LYS B 285 -28.70 10.84 39.48
CA LYS B 285 -29.55 12.02 39.33
C LYS B 285 -29.66 12.67 37.93
N LEU B 286 -29.13 12.01 36.91
CA LEU B 286 -29.15 12.56 35.55
C LEU B 286 -30.60 12.71 35.03
N PRO B 287 -31.04 13.96 34.79
CA PRO B 287 -32.45 14.16 34.42
C PRO B 287 -32.85 13.47 33.13
N CYS B 288 -31.93 13.29 32.19
CA CYS B 288 -32.28 12.66 30.93
C CYS B 288 -32.51 11.16 31.13
N LEU B 289 -31.97 10.62 32.22
CA LEU B 289 -32.15 9.20 32.55
C LEU B 289 -32.25 8.99 34.05
N PRO B 290 -33.35 9.44 34.68
CA PRO B 290 -33.41 9.41 36.14
C PRO B 290 -33.22 8.00 36.73
N GLY B 291 -32.42 7.90 37.78
CA GLY B 291 -32.18 6.61 38.42
C GLY B 291 -31.16 5.73 37.71
N GLU B 292 -30.65 6.18 36.57
CA GLU B 292 -29.65 5.41 35.83
C GLU B 292 -28.24 5.72 36.35
N LEU B 293 -27.40 4.70 36.42
CA LEU B 293 -26.05 4.84 36.94
C LEU B 293 -25.02 4.48 35.86
N PRO B 294 -23.88 5.18 35.83
CA PRO B 294 -22.91 5.03 34.74
C PRO B 294 -22.08 3.74 34.77
N THR B 295 -21.74 3.23 33.59
CA THR B 295 -20.75 2.17 33.44
C THR B 295 -19.38 2.78 33.09
N TYR B 296 -18.36 1.93 32.98
CA TYR B 296 -17.07 2.44 32.53
C TYR B 296 -17.15 2.88 31.07
N ASN B 297 -17.98 2.20 30.27
CA ASN B 297 -18.19 2.61 28.88
C ASN B 297 -18.84 3.97 28.80
N ASP B 298 -19.74 4.30 29.73
CA ASP B 298 -20.31 5.62 29.79
C ASP B 298 -19.25 6.66 30.09
N TRP B 299 -18.30 6.33 30.98
CA TRP B 299 -17.23 7.26 31.31
C TRP B 299 -16.31 7.47 30.10
N GLU B 300 -15.99 6.38 29.42
CA GLU B 300 -15.15 6.46 28.22
C GLU B 300 -15.83 7.35 27.19
N ASN B 301 -17.12 7.12 26.97
CA ASN B 301 -17.90 7.94 26.05
C ASN B 301 -17.78 9.43 26.41
N HIS B 302 -17.95 9.75 27.69
CA HIS B 302 -17.86 11.13 28.14
C HIS B 302 -16.48 11.73 27.90
N LEU B 303 -15.42 10.95 28.15
CA LEU B 303 -14.07 11.46 27.96
C LEU B 303 -13.85 11.82 26.49
N THR B 304 -14.59 11.16 25.58
CA THR B 304 -14.39 11.40 24.14
C THR B 304 -15.19 12.59 23.62
N THR B 305 -15.97 13.21 24.52
CA THR B 305 -16.66 14.48 24.20
C THR B 305 -15.91 15.70 24.71
N ILE B 306 -14.72 15.50 25.25
CA ILE B 306 -13.86 16.61 25.66
C ILE B 306 -12.79 16.83 24.58
N PHE B 307 -12.50 18.07 24.22
CA PHE B 307 -11.63 18.36 23.07
C PHE B 307 -10.53 19.39 23.34
N PRO B 308 -9.66 19.15 24.33
CA PRO B 308 -8.60 20.13 24.55
C PRO B 308 -7.46 19.91 23.56
N GLU B 309 -6.43 20.75 23.60
CA GLU B 309 -5.35 20.66 22.62
C GLU B 309 -4.56 19.36 22.81
N VAL B 310 -4.57 18.85 24.04
CA VAL B 310 -4.05 17.52 24.36
C VAL B 310 -5.13 16.90 25.23
N ARG B 311 -5.50 15.65 24.96
CA ARG B 311 -6.56 14.99 25.71
C ARG B 311 -6.03 13.80 26.46
N LEU B 312 -6.61 13.54 27.64
CA LEU B 312 -6.25 12.37 28.43
C LEU B 312 -7.42 11.38 28.53
N LYS B 313 -7.11 10.12 28.28
CA LYS B 313 -8.01 8.96 28.42
C LYS B 313 -7.03 7.89 28.92
N ARG B 314 -7.30 6.61 28.72
CA ARG B 314 -6.28 5.60 29.06
C ARG B 314 -4.94 5.79 28.29
N TYR B 315 -4.96 6.65 27.28
CA TYR B 315 -3.72 7.08 26.60
C TYR B 315 -3.80 8.60 26.38
N MET B 316 -2.77 9.22 25.83
CA MET B 316 -2.77 10.66 25.64
C MET B 316 -2.86 11.00 24.15
N GLU B 317 -3.58 12.06 23.82
CA GLU B 317 -3.83 12.40 22.42
C GLU B 317 -3.31 13.79 22.09
N MET B 318 -2.51 13.89 21.03
CA MET B 318 -2.02 15.19 20.54
C MET B 318 -2.99 15.64 19.45
N ARG B 319 -3.76 16.70 19.75
CA ARG B 319 -4.90 17.12 18.91
C ARG B 319 -4.71 18.36 18.00
N GLY B 320 -3.52 18.91 17.97
CA GLY B 320 -3.33 20.23 17.37
C GLY B 320 -3.14 20.32 15.86
N ALA B 321 -2.98 19.19 15.16
CA ALA B 321 -2.49 19.23 13.76
C ALA B 321 -3.58 19.10 12.66
N ASP B 322 -3.44 19.92 11.62
CA ASP B 322 -4.33 19.83 10.44
C ASP B 322 -4.06 18.54 9.62
N GLY B 323 -5.11 17.98 9.05
CA GLY B 323 -4.96 16.86 8.12
C GLY B 323 -4.12 17.31 6.93
N GLY B 324 -3.48 16.37 6.24
CA GLY B 324 -2.59 16.73 5.17
C GLY B 324 -2.24 15.52 4.34
N PRO B 325 -1.36 15.70 3.36
CA PRO B 325 -0.97 14.62 2.45
C PRO B 325 -0.22 13.51 3.19
N TRP B 326 -0.05 12.35 2.55
CA TRP B 326 0.40 11.19 3.28
C TRP B 326 1.76 11.35 3.98
N ARG B 327 2.71 12.06 3.39
CA ARG B 327 3.99 12.20 4.08
C ARG B 327 3.86 12.93 5.43
N ARG B 328 2.93 13.89 5.51
CA ARG B 328 2.68 14.54 6.80
C ARG B 328 1.79 13.69 7.71
N LEU B 329 0.99 12.77 7.17
CA LEU B 329 0.29 11.84 8.06
C LEU B 329 1.31 11.00 8.83
N CYS B 330 2.40 10.62 8.16
CA CYS B 330 3.42 9.81 8.78
C CYS B 330 4.34 10.63 9.64
N ALA B 331 4.50 11.92 9.30
CA ALA B 331 5.36 12.83 10.07
C ALA B 331 4.78 13.24 11.45
N LEU B 332 3.46 13.39 11.54
CA LEU B 332 2.85 13.87 12.80
C LEU B 332 3.16 12.93 13.98
N PRO B 333 2.82 11.64 13.86
CA PRO B 333 3.20 10.75 14.96
C PRO B 333 4.72 10.70 15.20
N ALA B 334 5.53 10.79 14.15
CA ALA B 334 6.99 10.77 14.32
C ALA B 334 7.50 11.95 15.17
N PHE B 335 6.87 13.11 14.99
CA PHE B 335 7.27 14.35 15.67
C PHE B 335 7.15 14.13 17.19
N TRP B 336 5.98 13.64 17.59
CA TRP B 336 5.69 13.48 19.00
C TRP B 336 6.39 12.29 19.62
N VAL B 337 6.57 11.20 18.84
CA VAL B 337 7.29 10.05 19.37
C VAL B 337 8.73 10.45 19.65
N GLY B 338 9.31 11.24 18.77
CA GLY B 338 10.69 11.68 18.96
C GLY B 338 10.83 12.55 20.21
N LEU B 339 9.81 13.34 20.52
CA LEU B 339 9.82 14.26 21.66
C LEU B 339 9.44 13.63 23.01
N LEU B 340 8.43 12.76 23.01
CA LEU B 340 7.94 12.18 24.26
C LEU B 340 8.39 10.76 24.63
N TYR B 341 8.91 9.99 23.68
CA TYR B 341 9.23 8.58 23.95
C TYR B 341 10.71 8.34 24.29
N ASP B 342 11.49 9.42 24.33
CA ASP B 342 12.86 9.39 24.83
C ASP B 342 12.91 10.20 26.11
N GLU B 343 13.36 9.60 27.21
CA GLU B 343 13.28 10.26 28.53
C GLU B 343 14.15 11.51 28.61
N ASP B 344 15.32 11.45 27.99
CA ASP B 344 16.22 12.60 28.01
C ASP B 344 15.68 13.74 27.16
N VAL B 345 15.14 13.41 25.98
CA VAL B 345 14.50 14.43 25.15
C VAL B 345 13.28 15.02 25.85
N LEU B 346 12.44 14.18 26.44
CA LEU B 346 11.27 14.67 27.18
C LEU B 346 11.69 15.66 28.26
N GLN B 347 12.78 15.34 28.96
CA GLN B 347 13.31 16.24 29.96
C GLN B 347 13.76 17.56 29.34
N SER B 348 14.46 17.48 28.21
CA SER B 348 14.92 18.67 27.51
C SER B 348 13.77 19.58 27.09
N VAL B 349 12.65 18.97 26.69
CA VAL B 349 11.46 19.73 26.31
C VAL B 349 10.87 20.40 27.52
N LEU B 350 10.84 19.71 28.66
CA LEU B 350 10.33 20.34 29.85
C LEU B 350 11.25 21.50 30.25
N ASP B 351 12.57 21.31 30.11
CA ASP B 351 13.52 22.37 30.46
C ASP B 351 13.30 23.59 29.58
N LEU B 352 13.13 23.36 28.29
CA LEU B 352 12.98 24.41 27.29
C LEU B 352 11.77 25.27 27.60
N THR B 353 10.68 24.61 27.98
CA THR B 353 9.41 25.28 28.20
C THR B 353 9.12 25.63 29.67
N ALA B 354 10.04 25.33 30.57
CA ALA B 354 9.76 25.45 32.00
C ALA B 354 9.23 26.83 32.41
N ASP B 355 9.83 27.89 31.89
CA ASP B 355 9.45 29.25 32.31
C ASP B 355 8.42 29.91 31.40
N TRP B 356 7.90 29.18 30.41
CA TRP B 356 6.79 29.71 29.63
C TRP B 356 5.60 29.92 30.59
N THR B 357 5.01 31.11 30.54
CA THR B 357 3.90 31.44 31.41
C THR B 357 2.57 30.99 30.80
N PRO B 358 1.54 30.84 31.64
CA PRO B 358 0.18 30.55 31.17
C PRO B 358 -0.22 31.52 30.08
N ALA B 359 0.21 32.78 30.21
CA ALA B 359 -0.21 33.80 29.26
C ALA B 359 0.53 33.61 27.96
N GLU B 360 1.78 33.18 28.03
CA GLU B 360 2.56 32.94 26.81
C GLU B 360 2.01 31.72 26.07
N ARG B 361 1.64 30.68 26.82
CA ARG B 361 1.12 29.46 26.18
C ARG B 361 -0.22 29.73 25.51
N GLU B 362 -1.04 30.58 26.13
CA GLU B 362 -2.32 30.95 25.56
C GLU B 362 -2.15 31.86 24.34
N MET B 363 -1.12 32.70 24.36
CA MET B 363 -0.86 33.60 23.25
C MET B 363 -0.43 32.83 22.01
N LEU B 364 0.50 31.89 22.19
CA LEU B 364 0.98 31.07 21.08
C LEU B 364 -0.17 30.29 20.47
N ARG B 365 -1.07 29.80 21.32
CA ARG B 365 -2.19 28.99 20.85
C ARG B 365 -3.17 29.82 20.02
N ASN B 366 -3.41 31.06 20.43
CA ASN B 366 -4.30 31.93 19.70
C ASN B 366 -3.66 32.57 18.46
N LYS B 367 -2.37 32.87 18.52
CA LYS B 367 -1.69 33.52 17.40
C LYS B 367 -1.16 32.62 16.27
N VAL B 368 -0.72 31.41 16.60
CA VAL B 368 -0.18 30.50 15.58
C VAL B 368 -1.14 30.27 14.39
N PRO B 369 -2.44 30.15 14.67
CA PRO B 369 -3.36 29.90 13.53
C PRO B 369 -3.31 31.04 12.52
N VAL B 370 -2.88 32.22 12.93
CA VAL B 370 -2.77 33.37 12.02
C VAL B 370 -1.38 33.45 11.41
N THR B 371 -0.36 33.56 12.26
CA THR B 371 1.01 33.77 11.81
C THR B 371 1.99 32.58 11.77
N GLY B 372 1.57 31.37 12.18
CA GLY B 372 2.46 30.23 12.06
C GLY B 372 3.81 30.42 12.74
N LEU B 373 4.90 30.15 12.03
CA LEU B 373 6.24 30.22 12.61
C LEU B 373 6.77 31.66 12.62
N LYS B 374 6.01 32.57 12.01
CA LYS B 374 6.36 33.97 12.07
C LYS B 374 5.76 34.63 13.32
N THR B 375 5.00 33.86 14.09
CA THR B 375 4.46 34.37 15.35
C THR B 375 5.59 34.85 16.26
N PRO B 376 5.52 36.10 16.71
CA PRO B 376 6.61 36.56 17.59
C PRO B 376 6.56 35.83 18.94
N PHE B 377 7.72 35.45 19.46
CA PHE B 377 7.81 34.91 20.82
C PHE B 377 9.02 35.49 21.56
N ARG B 378 8.75 36.21 22.65
CA ARG B 378 9.80 36.90 23.39
C ARG B 378 10.66 37.74 22.44
N ASP B 379 11.95 37.47 22.40
CA ASP B 379 12.92 38.30 21.69
C ASP B 379 13.08 37.88 20.24
N GLY B 380 12.24 36.97 19.78
CA GLY B 380 12.51 36.14 18.63
C GLY B 380 11.21 35.73 17.95
N LEU B 381 11.29 34.76 17.05
CA LEU B 381 10.10 34.21 16.39
C LEU B 381 9.89 32.76 16.84
N LEU B 382 8.66 32.28 16.73
CA LEU B 382 8.39 30.89 17.03
C LEU B 382 9.28 29.99 16.17
N LYS B 383 9.63 30.45 14.97
CA LYS B 383 10.52 29.66 14.09
C LYS B 383 11.76 29.19 14.84
N HIS B 384 12.34 30.06 15.66
CA HIS B 384 13.58 29.70 16.37
C HIS B 384 13.33 28.63 17.44
N VAL B 385 12.18 28.70 18.11
CA VAL B 385 11.82 27.65 19.05
C VAL B 385 11.64 26.33 18.30
N ALA B 386 11.00 26.39 17.13
CA ALA B 386 10.70 25.21 16.34
C ALA B 386 11.99 24.57 15.86
N GLU B 387 13.01 25.39 15.57
CA GLU B 387 14.31 24.86 15.21
C GLU B 387 14.83 23.96 16.35
N ASP B 388 14.74 24.46 17.58
CA ASP B 388 15.24 23.72 18.75
C ASP B 388 14.44 22.42 18.95
N VAL B 389 13.14 22.53 18.77
CA VAL B 389 12.24 21.41 19.02
C VAL B 389 12.42 20.32 17.96
N LEU B 390 12.58 20.70 16.70
CA LEU B 390 12.79 19.70 15.65
C LEU B 390 14.12 18.99 15.87
N LYS B 391 15.13 19.70 16.35
CA LYS B 391 16.40 19.06 16.63
C LYS B 391 16.21 17.98 17.71
N LEU B 392 15.47 18.32 18.76
CA LEU B 392 15.16 17.37 19.82
C LEU B 392 14.38 16.16 19.32
N ALA B 393 13.35 16.41 18.51
CA ALA B 393 12.54 15.32 17.95
C ALA B 393 13.41 14.37 17.17
N LYS B 394 14.31 14.90 16.33
CA LYS B 394 15.16 14.04 15.51
C LYS B 394 16.11 13.27 16.41
N ASP B 395 16.61 13.89 17.47
CA ASP B 395 17.48 13.20 18.42
CA ASP B 395 17.46 13.21 18.44
C ASP B 395 16.75 12.00 19.03
N GLY B 396 15.49 12.19 19.41
CA GLY B 396 14.71 11.11 20.01
C GLY B 396 14.50 9.94 19.07
N LEU B 397 14.22 10.24 17.79
CA LEU B 397 14.12 9.19 16.81
C LEU B 397 15.47 8.49 16.59
N GLU B 398 16.56 9.23 16.52
CA GLU B 398 17.87 8.60 16.41
C GLU B 398 18.06 7.59 17.55
N ARG B 399 17.78 8.03 18.77
CA ARG B 399 18.00 7.20 19.94
C ARG B 399 17.11 5.95 20.00
N ARG B 400 15.90 6.01 19.44
CA ARG B 400 15.07 4.83 19.42
C ARG B 400 15.75 3.72 18.61
N GLY B 401 16.63 4.10 17.69
CA GLY B 401 17.42 3.12 16.96
C GLY B 401 16.66 2.30 15.91
N TYR B 402 15.44 2.70 15.57
CA TYR B 402 14.69 2.01 14.50
C TYR B 402 14.86 2.70 13.14
N LYS B 403 15.73 3.70 13.07
CA LYS B 403 15.97 4.43 11.82
C LYS B 403 14.71 5.15 11.32
N GLU B 404 13.96 5.74 12.24
CA GLU B 404 12.71 6.44 11.89
C GLU B 404 12.87 7.91 11.56
N VAL B 405 14.08 8.45 11.67
CA VAL B 405 14.22 9.91 11.63
C VAL B 405 13.81 10.53 10.29
N GLY B 406 13.83 9.71 9.23
CA GLY B 406 13.44 10.18 7.91
C GLY B 406 12.00 10.65 7.84
N PHE B 407 11.17 10.20 8.79
CA PHE B 407 9.77 10.64 8.78
C PHE B 407 9.63 12.13 9.11
N LEU B 408 10.68 12.74 9.65
CA LEU B 408 10.63 14.17 9.88
C LEU B 408 11.13 14.99 8.69
N ASN B 409 11.51 14.35 7.59
CA ASN B 409 11.90 15.12 6.42
C ASN B 409 10.76 16.00 5.94
N ALA B 410 9.53 15.49 6.05
CA ALA B 410 8.35 16.21 5.57
C ALA B 410 8.16 17.59 6.24
N VAL B 411 8.62 17.77 7.49
CA VAL B 411 8.57 19.07 8.15
C VAL B 411 9.90 19.87 8.25
N THR B 412 10.99 19.30 7.76
CA THR B 412 12.30 19.91 7.94
C THR B 412 12.38 21.21 7.16
N GLU B 413 11.83 21.22 5.94
CA GLU B 413 11.92 22.41 5.09
C GLU B 413 10.99 23.49 5.64
N VAL B 414 9.87 23.09 6.23
CA VAL B 414 9.00 24.04 6.91
C VAL B 414 9.75 24.80 7.99
N VAL B 415 10.51 24.07 8.82
CA VAL B 415 11.22 24.68 9.93
C VAL B 415 12.39 25.54 9.45
N ARG B 416 13.12 25.05 8.46
CA ARG B 416 14.27 25.77 7.93
C ARG B 416 13.85 27.13 7.33
N THR B 417 12.82 27.12 6.49
CA THR B 417 12.35 28.34 5.85
C THR B 417 11.45 29.18 6.73
N GLY B 418 10.78 28.55 7.69
CA GLY B 418 9.74 29.22 8.46
C GLY B 418 8.44 29.41 7.68
N VAL B 419 8.29 28.68 6.58
CA VAL B 419 7.09 28.80 5.76
C VAL B 419 6.22 27.54 5.90
N THR B 420 5.00 27.73 6.42
CA THR B 420 4.08 26.61 6.65
C THR B 420 3.47 26.09 5.36
N PRO B 421 2.93 24.86 5.39
CA PRO B 421 2.29 24.33 4.19
C PRO B 421 1.15 25.23 3.68
N ALA B 422 0.40 25.82 4.60
CA ALA B 422 -0.68 26.70 4.24
C ALA B 422 -0.17 27.88 3.42
N GLU B 423 0.97 28.43 3.82
CA GLU B 423 1.56 29.54 3.07
C GLU B 423 1.98 29.11 1.68
N ASN B 424 2.44 27.87 1.55
CA ASN B 424 2.80 27.38 0.23
C ASN B 424 1.55 27.26 -0.65
N LEU B 425 0.41 26.89 -0.06
CA LEU B 425 -0.84 26.84 -0.82
C LEU B 425 -1.28 28.24 -1.26
N LEU B 426 -1.13 29.21 -0.38
CA LEU B 426 -1.52 30.59 -0.71
C LEU B 426 -0.65 31.13 -1.84
N GLU B 427 0.62 30.75 -1.84
CA GLU B 427 1.52 31.12 -2.94
C GLU B 427 0.99 30.56 -4.25
N MET B 428 0.52 29.32 -4.24
CA MET B 428 -0.04 28.71 -5.45
C MET B 428 -1.32 29.40 -5.85
N TYR B 429 -2.16 29.74 -4.87
CA TYR B 429 -3.43 30.39 -5.15
C TYR B 429 -3.14 31.68 -5.90
N ASN B 430 -2.14 32.41 -5.45
CA ASN B 430 -1.82 33.72 -6.02
C ASN B 430 -0.95 33.63 -7.26
N GLY B 431 -0.52 32.40 -7.49
CA GLY B 431 0.36 31.90 -8.54
C GLY B 431 -0.34 31.21 -9.70
N GLU B 432 0.27 30.10 -10.10
CA GLU B 432 -0.24 29.24 -11.18
C GLU B 432 -1.70 28.75 -11.05
N TRP B 433 -2.30 28.75 -9.86
CA TRP B 433 -3.73 28.40 -9.75
C TRP B 433 -4.66 29.51 -10.25
N GLY B 434 -4.13 30.72 -10.41
CA GLY B 434 -4.91 31.83 -10.91
C GLY B 434 -6.09 32.23 -10.04
N GLN B 435 -5.87 32.24 -8.72
CA GLN B 435 -6.86 32.69 -7.72
C GLN B 435 -8.12 31.85 -7.73
N SER B 436 -7.91 30.57 -7.94
CA SER B 436 -8.98 29.60 -7.73
C SER B 436 -8.48 28.56 -6.72
N VAL B 437 -9.35 28.06 -5.82
CA VAL B 437 -8.95 26.93 -5.00
C VAL B 437 -9.08 25.58 -5.68
N ASP B 438 -9.74 25.54 -6.84
CA ASP B 438 -10.05 24.25 -7.48
C ASP B 438 -8.83 23.34 -7.65
N PRO B 439 -7.67 23.89 -8.04
CA PRO B 439 -6.50 23.03 -8.22
C PRO B 439 -6.01 22.32 -6.94
N VAL B 440 -6.44 22.76 -5.77
CA VAL B 440 -5.99 22.10 -4.55
C VAL B 440 -6.56 20.67 -4.47
N PHE B 441 -7.64 20.42 -5.21
CA PHE B 441 -8.23 19.08 -5.28
C PHE B 441 -7.39 18.11 -6.10
N GLN B 442 -6.38 18.67 -6.79
CA GLN B 442 -5.35 17.86 -7.46
CA GLN B 442 -5.34 17.91 -7.47
C GLN B 442 -4.08 17.88 -6.60
N GLU B 443 -3.60 19.07 -6.27
CA GLU B 443 -2.38 19.20 -5.46
C GLU B 443 -2.38 18.31 -4.21
N LEU B 444 -3.47 18.37 -3.45
CA LEU B 444 -3.65 17.63 -2.18
C LEU B 444 -4.44 16.32 -2.28
N LEU B 445 -4.70 15.87 -3.51
CA LEU B 445 -5.38 14.60 -3.76
C LEU B 445 -4.54 13.41 -3.24
N TYR B 446 -5.17 12.52 -2.47
CA TYR B 446 -4.50 11.31 -2.00
C TYR B 446 -4.30 10.34 -3.14
#